data_6R8X
#
_entry.id   6R8X
#
_cell.length_a   191.274
_cell.length_b   53.216
_cell.length_c   65.164
_cell.angle_alpha   90.00
_cell.angle_beta   94.56
_cell.angle_gamma   90.00
#
_symmetry.space_group_name_H-M   'C 1 2 1'
#
loop_
_entity.id
_entity.type
_entity.pdbx_description
1 polymer 'Coagulation factor XI'
2 polymer 'anti-Factor-XI Fab fragment light chain MAA868'
3 polymer 'anti-Factor-XI Fab fragment heavy chain MAA868'
4 water water
#
loop_
_entity_poly.entity_id
_entity_poly.type
_entity_poly.pdbx_seq_one_letter_code
_entity_poly.pdbx_strand_id
1 'polypeptide(L)'
;IVGGTASVRGEWPWQVTLHTTSPTQRHLCGGSIIGNQWILTAAHCFYGVESPKILRVYSGILNQSEIKEDTSFFGVQEII
IHDQYKMAESGYDIALLKLETTVNYTDSQRPISLPSKGDRNVIYTDCWVTGWGYRKLRDKIQNTLQKAKIPLVTNEECQK
RYRGHKITHKMICAGYREGGKDACKGDSGGPLSCKHNEVWHLVGITSWGEGCAQRERPGVYTNVVEYVDWILEKTQAV
;
A
2 'polypeptide(L)'
;QSVLTQPPSASGTPGQRVTISCSGSSSNIGSNDVSWYQQLPGTAPKLLIYKNYNRPSGVPDRFSGSKSGTSASLAISGLQ
SEDEADYYCSAWDQRQFDVVFGGGTKLTVLGQPKAAPSVTLFPPSSEELQANKATLVCLISDFYPGAVTVAWKADSSPVK
AGVETTTPSKQSNNKYAASSYLSLTPEQWKSHRSYSCQVTHEGSTVEKTVAPTECS
;
B
3 'polypeptide(L)'
;QVQLLESGGGLVQPGGSLRLSCAASGFTFSTAAMSWVRQAPGKGLEWVSGISGSGSSTYYADSVKGRFTISRDNSKNTLY
LQMNSLRAEDTAVYYCARELSYLYSGYYFDYWGQGTLVTVSSASTKGPSVFPLAPSSKSTSGGTAALGCLVKDYFPEPVT
VSWNSGALTSGVHTFPAVLQSSGLYSLSSVVTVPSSSLGTQTYICNVNHKPSNTKVDKRVEPKSCDKTHTCPPCPA
;
C
#
# COMPACT_ATOMS: atom_id res chain seq x y z
N THR A 5 2.67 0.83 -35.01
CA THR A 5 1.89 1.38 -36.12
C THR A 5 0.54 0.66 -36.32
N ALA A 6 -0.37 1.36 -37.00
CA ALA A 6 -1.73 0.95 -37.34
C ALA A 6 -1.78 -0.31 -38.20
N SER A 7 -2.78 -1.17 -37.97
CA SER A 7 -2.99 -2.32 -38.84
C SER A 7 -4.06 -1.85 -39.83
N VAL A 8 -4.25 -2.62 -40.91
CA VAL A 8 -5.31 -2.35 -41.91
C VAL A 8 -6.37 -3.40 -41.83
N ARG A 9 -7.52 -3.13 -42.49
CA ARG A 9 -8.63 -4.08 -42.55
C ARG A 9 -8.21 -5.38 -43.29
N GLY A 10 -8.47 -6.50 -42.62
CA GLY A 10 -8.20 -7.85 -43.13
C GLY A 10 -6.79 -8.35 -42.96
N GLU A 11 -5.92 -7.59 -42.27
CA GLU A 11 -4.51 -7.98 -42.08
C GLU A 11 -4.34 -9.15 -41.07
N TRP A 12 -5.05 -9.09 -39.94
CA TRP A 12 -4.97 -10.10 -38.88
C TRP A 12 -6.37 -10.74 -38.74
N PRO A 13 -6.82 -11.60 -39.68
CA PRO A 13 -8.21 -12.09 -39.60
C PRO A 13 -8.51 -13.12 -38.50
N TRP A 14 -7.49 -13.57 -37.77
CA TRP A 14 -7.71 -14.51 -36.68
C TRP A 14 -7.90 -13.76 -35.38
N GLN A 15 -7.50 -12.47 -35.35
CA GLN A 15 -7.60 -11.62 -34.16
C GLN A 15 -9.03 -11.28 -33.85
N VAL A 16 -9.45 -11.50 -32.60
CA VAL A 16 -10.80 -11.13 -32.17
C VAL A 16 -10.70 -10.20 -30.97
N THR A 17 -11.78 -9.47 -30.70
CA THR A 17 -11.94 -8.64 -29.52
C THR A 17 -13.01 -9.27 -28.67
N LEU A 18 -12.67 -9.56 -27.43
CA LEU A 18 -13.62 -10.16 -26.50
CA LEU A 18 -13.62 -10.16 -26.49
C LEU A 18 -14.18 -9.05 -25.63
N HIS A 19 -15.49 -8.96 -25.59
CA HIS A 19 -16.21 -7.96 -24.83
C HIS A 19 -17.04 -8.53 -23.70
N THR A 20 -17.16 -7.77 -22.60
CA THR A 20 -18.11 -8.09 -21.53
C THR A 20 -19.28 -7.14 -21.73
N THR A 21 -20.49 -7.48 -21.29
CA THR A 21 -21.67 -6.62 -21.43
C THR A 21 -22.18 -6.18 -20.07
N SER A 22 -21.57 -6.69 -18.98
CA SER A 22 -21.86 -6.44 -17.56
C SER A 22 -20.75 -5.66 -16.81
N PRO A 23 -21.03 -4.49 -16.17
CA PRO A 23 -22.31 -3.75 -16.13
C PRO A 23 -22.66 -3.10 -17.46
N THR A 24 -21.63 -2.61 -18.20
CA THR A 24 -21.67 -1.98 -19.54
C THR A 24 -20.76 -2.78 -20.48
N GLN A 25 -20.90 -2.61 -21.79
CA GLN A 25 -20.05 -3.29 -22.76
C GLN A 25 -18.72 -2.56 -22.88
N ARG A 26 -17.61 -3.30 -22.87
CA ARG A 26 -16.22 -2.86 -23.05
C ARG A 26 -15.30 -4.01 -23.45
N HIS A 27 -14.21 -3.65 -24.12
CA HIS A 27 -13.16 -4.58 -24.50
C HIS A 27 -12.58 -5.15 -23.17
N LEU A 28 -12.42 -6.47 -23.13
CA LEU A 28 -11.98 -7.22 -21.96
C LEU A 28 -10.65 -7.88 -22.25
N CYS A 29 -10.48 -8.41 -23.50
CA CYS A 29 -9.29 -9.15 -23.92
CA CYS A 29 -9.25 -9.08 -23.93
C CYS A 29 -9.19 -9.37 -25.40
N GLY A 30 -8.04 -9.86 -25.82
CA GLY A 30 -7.71 -10.26 -27.17
C GLY A 30 -7.83 -11.78 -27.20
N GLY A 31 -7.81 -12.35 -28.38
CA GLY A 31 -7.91 -13.78 -28.61
C GLY A 31 -7.76 -14.10 -30.09
N SER A 32 -7.61 -15.41 -30.41
CA SER A 32 -7.45 -15.88 -31.78
C SER A 32 -8.44 -16.99 -32.14
N ILE A 33 -8.94 -16.94 -33.38
CA ILE A 33 -9.79 -17.96 -33.97
C ILE A 33 -8.84 -19.11 -34.30
N ILE A 34 -9.08 -20.29 -33.72
CA ILE A 34 -8.26 -21.47 -33.98
C ILE A 34 -9.06 -22.60 -34.64
N GLY A 35 -10.38 -22.42 -34.74
CA GLY A 35 -11.29 -23.37 -35.37
C GLY A 35 -12.69 -22.80 -35.53
N ASN A 36 -13.63 -23.57 -36.17
CA ASN A 36 -15.03 -23.23 -36.44
C ASN A 36 -15.74 -22.64 -35.24
N GLN A 37 -15.51 -23.19 -34.03
CA GLN A 37 -16.14 -22.52 -32.87
C GLN A 37 -15.20 -22.39 -31.68
N TRP A 38 -13.92 -22.21 -31.98
CA TRP A 38 -12.87 -22.14 -30.96
C TRP A 38 -11.98 -20.90 -31.04
N ILE A 39 -12.00 -20.16 -29.93
CA ILE A 39 -11.23 -18.97 -29.66
C ILE A 39 -10.21 -19.37 -28.61
N LEU A 40 -8.94 -19.12 -28.89
CA LEU A 40 -7.88 -19.35 -27.95
C LEU A 40 -7.47 -18.01 -27.36
N THR A 41 -7.44 -17.96 -26.04
CA THR A 41 -7.11 -16.75 -25.26
C THR A 41 -6.36 -17.13 -23.96
N ALA A 42 -6.17 -16.16 -23.05
CA ALA A 42 -5.51 -16.37 -21.75
C ALA A 42 -6.57 -16.56 -20.68
N ALA A 43 -6.27 -17.43 -19.74
CA ALA A 43 -7.14 -17.69 -18.61
C ALA A 43 -7.23 -16.49 -17.64
N HIS A 44 -6.16 -15.66 -17.49
CA HIS A 44 -6.22 -14.52 -16.53
C HIS A 44 -7.30 -13.48 -16.86
N CYS A 45 -7.75 -13.47 -18.13
CA CYS A 45 -8.78 -12.61 -18.72
C CYS A 45 -10.09 -12.61 -18.02
N PHE A 46 -10.38 -13.75 -17.41
CA PHE A 46 -11.66 -14.06 -16.83
C PHE A 46 -11.71 -13.93 -15.34
N TYR A 47 -10.73 -13.22 -14.73
CA TYR A 47 -10.70 -12.97 -13.28
C TYR A 47 -12.03 -12.46 -12.70
N GLY A 48 -12.77 -11.65 -13.48
CA GLY A 48 -14.03 -11.03 -13.08
C GLY A 48 -15.27 -11.59 -13.74
N VAL A 49 -15.07 -12.57 -14.62
CA VAL A 49 -16.15 -13.17 -15.39
C VAL A 49 -16.80 -14.33 -14.66
N GLU A 50 -18.09 -14.14 -14.43
CA GLU A 50 -19.00 -15.06 -13.75
C GLU A 50 -19.40 -16.29 -14.58
N SER A 51 -19.89 -16.05 -15.81
CA SER A 51 -20.44 -17.03 -16.74
C SER A 51 -20.26 -16.55 -18.19
N PRO A 52 -20.33 -17.46 -19.21
CA PRO A 52 -20.18 -17.00 -20.61
C PRO A 52 -21.35 -16.14 -21.11
N LYS A 53 -22.51 -16.15 -20.43
CA LYS A 53 -23.71 -15.37 -20.79
C LYS A 53 -23.46 -13.88 -21.05
N ILE A 54 -22.44 -13.31 -20.39
CA ILE A 54 -22.06 -11.89 -20.44
C ILE A 54 -21.01 -11.59 -21.51
N LEU A 55 -20.55 -12.62 -22.27
CA LEU A 55 -19.50 -12.42 -23.28
C LEU A 55 -20.00 -12.29 -24.68
N ARG A 56 -19.28 -11.49 -25.46
CA ARG A 56 -19.47 -11.34 -26.90
C ARG A 56 -18.08 -11.42 -27.54
N VAL A 57 -17.97 -12.13 -28.66
CA VAL A 57 -16.74 -12.27 -29.45
C VAL A 57 -16.97 -11.53 -30.77
N TYR A 58 -16.11 -10.55 -31.07
CA TYR A 58 -16.21 -9.79 -32.32
C TYR A 58 -15.04 -10.11 -33.22
N SER A 59 -15.33 -10.56 -34.44
CA SER A 59 -14.33 -10.86 -35.46
C SER A 59 -14.40 -9.76 -36.53
N GLY A 60 -13.35 -9.64 -37.34
CA GLY A 60 -13.28 -8.66 -38.42
C GLY A 60 -13.29 -7.20 -37.97
N ILE A 61 -12.81 -6.92 -36.75
CA ILE A 61 -12.80 -5.58 -36.19
C ILE A 61 -11.44 -4.88 -36.34
N LEU A 62 -11.44 -3.70 -37.00
CA LEU A 62 -10.25 -2.88 -37.11
C LEU A 62 -10.31 -1.84 -36.00
N ASN A 63 -11.44 -1.12 -35.93
CA ASN A 63 -11.68 -0.06 -34.98
C ASN A 63 -12.70 -0.43 -33.94
N GLN A 64 -12.41 -0.14 -32.66
CA GLN A 64 -13.35 -0.40 -31.55
C GLN A 64 -14.61 0.43 -31.75
N SER A 65 -14.45 1.64 -32.34
CA SER A 65 -15.51 2.61 -32.67
C SER A 65 -16.56 2.04 -33.65
N GLU A 66 -16.14 1.12 -34.59
CA GLU A 66 -17.02 0.48 -35.57
C GLU A 66 -17.97 -0.56 -34.93
N ILE A 67 -17.84 -0.83 -33.62
CA ILE A 67 -18.74 -1.75 -32.90
C ILE A 67 -19.96 -0.97 -32.40
N LYS A 68 -21.14 -1.29 -32.98
CA LYS A 68 -22.44 -0.67 -32.72
C LYS A 68 -23.39 -1.76 -32.19
N GLU A 69 -24.66 -1.39 -31.91
CA GLU A 69 -25.71 -2.30 -31.40
C GLU A 69 -26.49 -3.03 -32.51
N ASP A 70 -25.80 -3.27 -33.63
CA ASP A 70 -26.28 -3.96 -34.83
C ASP A 70 -25.13 -4.81 -35.39
N THR A 71 -23.90 -4.65 -34.83
CA THR A 71 -22.69 -5.39 -35.22
C THR A 71 -22.82 -6.85 -34.82
N SER A 72 -22.61 -7.73 -35.80
CA SER A 72 -22.64 -9.18 -35.64
C SER A 72 -21.54 -9.64 -34.67
N PHE A 73 -21.91 -10.52 -33.72
CA PHE A 73 -21.01 -11.10 -32.73
C PHE A 73 -21.29 -12.58 -32.49
N PHE A 74 -20.30 -13.24 -31.93
CA PHE A 74 -20.41 -14.64 -31.58
C PHE A 74 -20.55 -14.76 -30.09
N GLY A 75 -21.62 -15.47 -29.70
CA GLY A 75 -21.94 -15.82 -28.33
C GLY A 75 -21.01 -16.93 -27.92
N VAL A 76 -20.78 -17.02 -26.63
CA VAL A 76 -19.90 -18.00 -25.99
C VAL A 76 -20.78 -18.97 -25.23
N GLN A 77 -20.57 -20.25 -25.45
CA GLN A 77 -21.30 -21.36 -24.85
C GLN A 77 -20.61 -21.86 -23.59
N GLU A 78 -19.27 -21.91 -23.64
CA GLU A 78 -18.42 -22.42 -22.59
C GLU A 78 -17.07 -21.66 -22.49
N ILE A 79 -16.63 -21.42 -21.24
CA ILE A 79 -15.31 -20.89 -20.95
C ILE A 79 -14.55 -22.10 -20.44
N ILE A 80 -13.44 -22.46 -21.10
CA ILE A 80 -12.60 -23.57 -20.67
C ILE A 80 -11.27 -22.99 -20.14
N ILE A 81 -11.06 -22.97 -18.82
CA ILE A 81 -9.77 -22.52 -18.24
C ILE A 81 -8.92 -23.77 -18.02
N HIS A 82 -7.60 -23.74 -18.35
CA HIS A 82 -6.72 -24.86 -18.04
C HIS A 82 -6.88 -25.18 -16.53
N ASP A 83 -7.20 -26.44 -16.17
CA ASP A 83 -7.39 -26.82 -14.75
C ASP A 83 -6.18 -26.52 -13.83
N GLN A 84 -4.95 -26.46 -14.38
CA GLN A 84 -3.79 -26.15 -13.54
C GLN A 84 -3.50 -24.64 -13.36
N TYR A 85 -4.34 -23.77 -13.93
CA TYR A 85 -4.14 -22.32 -13.88
C TYR A 85 -4.51 -21.70 -12.53
N LYS A 86 -3.58 -20.91 -11.94
CA LYS A 86 -3.77 -20.20 -10.65
C LYS A 86 -3.44 -18.70 -10.81
N MET A 87 -2.26 -18.40 -11.37
CA MET A 87 -1.81 -17.05 -11.72
C MET A 87 -0.91 -17.13 -12.93
N ALA A 88 -0.75 -16.02 -13.67
CA ALA A 88 0.02 -16.01 -14.91
C ALA A 88 1.49 -16.43 -14.72
N GLU A 89 2.13 -15.96 -13.64
CA GLU A 89 3.54 -16.26 -13.37
C GLU A 89 3.81 -17.74 -13.07
N SER A 90 2.78 -18.53 -12.71
CA SER A 90 3.00 -19.97 -12.47
C SER A 90 2.62 -20.80 -13.68
N GLY A 91 2.39 -20.14 -14.83
CA GLY A 91 2.04 -20.80 -16.08
C GLY A 91 0.59 -21.22 -16.20
N TYR A 92 0.29 -22.06 -17.23
CA TYR A 92 -1.07 -22.59 -17.53
C TYR A 92 -2.11 -21.46 -17.80
N ASP A 93 -1.60 -20.26 -18.20
CA ASP A 93 -2.43 -19.12 -18.50
C ASP A 93 -2.96 -19.28 -19.92
N ILE A 94 -3.92 -20.19 -20.06
CA ILE A 94 -4.51 -20.55 -21.35
C ILE A 94 -5.96 -20.92 -21.15
N ALA A 95 -6.78 -20.55 -22.14
CA ALA A 95 -8.20 -20.82 -22.10
C ALA A 95 -8.75 -20.93 -23.49
N LEU A 96 -9.85 -21.68 -23.61
CA LEU A 96 -10.60 -21.88 -24.84
C LEU A 96 -12.00 -21.36 -24.65
N LEU A 97 -12.55 -20.72 -25.68
CA LEU A 97 -13.91 -20.23 -25.70
C LEU A 97 -14.60 -21.04 -26.78
N LYS A 98 -15.63 -21.78 -26.39
CA LYS A 98 -16.43 -22.53 -27.34
C LYS A 98 -17.54 -21.59 -27.67
N LEU A 99 -17.66 -21.29 -28.94
CA LEU A 99 -18.69 -20.36 -29.37
C LEU A 99 -20.03 -21.07 -29.49
N GLU A 100 -21.13 -20.29 -29.43
CA GLU A 100 -22.50 -20.79 -29.56
C GLU A 100 -22.75 -21.25 -30.98
N THR A 101 -22.27 -20.47 -31.96
CA THR A 101 -22.38 -20.78 -33.38
C THR A 101 -20.98 -20.97 -34.02
N THR A 102 -20.96 -21.47 -35.28
CA THR A 102 -19.74 -21.70 -36.04
C THR A 102 -19.34 -20.44 -36.78
N VAL A 103 -18.05 -20.22 -36.88
CA VAL A 103 -17.50 -19.10 -37.60
C VAL A 103 -17.38 -19.55 -39.03
N ASN A 104 -18.07 -18.83 -39.90
CA ASN A 104 -18.08 -19.06 -41.34
C ASN A 104 -16.96 -18.19 -41.89
N TYR A 105 -15.88 -18.86 -42.33
CA TYR A 105 -14.64 -18.24 -42.76
C TYR A 105 -14.74 -17.33 -43.98
N THR A 106 -14.19 -16.10 -43.84
CA THR A 106 -14.10 -15.08 -44.88
C THR A 106 -12.69 -14.48 -44.85
N ASP A 107 -12.47 -13.38 -45.58
CA ASP A 107 -11.19 -12.69 -45.59
C ASP A 107 -11.02 -11.85 -44.33
N SER A 108 -12.14 -11.51 -43.64
CA SER A 108 -12.15 -10.73 -42.40
CA SER A 108 -12.13 -10.73 -42.41
C SER A 108 -12.14 -11.63 -41.15
N GLN A 109 -12.48 -12.92 -41.30
CA GLN A 109 -12.51 -13.89 -40.19
C GLN A 109 -12.04 -15.29 -40.61
N ARG A 110 -10.80 -15.65 -40.30
CA ARG A 110 -10.30 -16.97 -40.65
C ARG A 110 -9.41 -17.53 -39.50
N PRO A 111 -9.14 -18.87 -39.38
CA PRO A 111 -8.35 -19.34 -38.25
CA PRO A 111 -8.35 -19.34 -38.25
C PRO A 111 -6.84 -19.28 -38.44
N ILE A 112 -6.11 -19.27 -37.33
CA ILE A 112 -4.66 -19.28 -37.33
C ILE A 112 -4.24 -20.69 -36.93
N SER A 113 -3.41 -21.31 -37.76
CA SER A 113 -2.80 -22.63 -37.54
C SER A 113 -2.04 -22.64 -36.18
N LEU A 114 -2.15 -23.76 -35.44
CA LEU A 114 -1.42 -23.94 -34.18
C LEU A 114 0.04 -24.21 -34.56
N PRO A 115 1.05 -24.07 -33.68
CA PRO A 115 2.42 -24.39 -34.15
C PRO A 115 2.65 -25.90 -34.25
N SER A 116 3.59 -26.32 -35.11
CA SER A 116 3.92 -27.73 -35.32
C SER A 116 4.81 -28.21 -34.21
N LYS A 117 4.48 -29.40 -33.68
CA LYS A 117 5.25 -30.04 -32.62
C LYS A 117 6.66 -30.39 -33.09
N GLY A 118 6.85 -30.45 -34.41
CA GLY A 118 8.15 -30.65 -35.06
C GLY A 118 9.01 -29.41 -35.01
N ASP A 119 8.36 -28.25 -34.84
CA ASP A 119 8.95 -26.92 -34.74
C ASP A 119 8.90 -26.44 -33.30
N ARG A 120 9.06 -27.37 -32.35
CA ARG A 120 9.05 -27.11 -30.89
C ARG A 120 10.12 -26.10 -30.47
N ASN A 121 11.33 -26.30 -30.97
CA ASN A 121 12.51 -25.51 -30.63
C ASN A 121 12.88 -24.45 -31.66
N VAL A 122 12.23 -24.44 -32.85
CA VAL A 122 12.47 -23.49 -33.92
C VAL A 122 12.47 -22.04 -33.40
N ILE A 123 13.48 -21.25 -33.80
CA ILE A 123 13.56 -19.85 -33.41
C ILE A 123 12.92 -19.00 -34.50
N TYR A 124 11.61 -18.74 -34.38
CA TYR A 124 10.83 -17.93 -35.32
C TYR A 124 11.41 -16.54 -35.47
N THR A 125 11.55 -16.06 -36.73
CA THR A 125 12.18 -14.76 -37.02
C THR A 125 11.20 -13.72 -37.58
N ASP A 126 9.94 -14.10 -37.77
CA ASP A 126 8.93 -13.16 -38.25
C ASP A 126 7.68 -13.15 -37.35
N CYS A 127 7.83 -12.63 -36.12
CA CYS A 127 6.79 -12.59 -35.08
C CYS A 127 6.15 -11.24 -34.87
N TRP A 128 4.84 -11.25 -34.65
CA TRP A 128 4.06 -10.05 -34.48
C TRP A 128 3.15 -10.11 -33.30
N VAL A 129 3.01 -8.98 -32.66
CA VAL A 129 2.10 -8.84 -31.54
CA VAL A 129 2.12 -8.81 -31.53
C VAL A 129 1.06 -7.79 -31.95
N THR A 130 -0.23 -8.12 -31.79
CA THR A 130 -1.33 -7.26 -32.19
C THR A 130 -2.35 -7.11 -31.08
N GLY A 131 -3.02 -5.97 -31.07
CA GLY A 131 -4.07 -5.72 -30.09
C GLY A 131 -4.47 -4.26 -29.98
N TRP A 132 -5.33 -4.00 -29.01
CA TRP A 132 -5.84 -2.68 -28.71
C TRP A 132 -5.18 -2.14 -27.43
N GLY A 133 -4.04 -2.74 -27.04
CA GLY A 133 -3.20 -2.32 -25.94
C GLY A 133 -3.77 -2.36 -24.55
N TYR A 134 -4.65 -3.34 -24.27
CA TYR A 134 -5.26 -3.48 -22.95
C TYR A 134 -4.58 -4.58 -22.15
N ARG A 135 -3.66 -4.20 -21.25
CA ARG A 135 -2.94 -5.17 -20.39
C ARG A 135 -3.01 -4.77 -18.92
N LYS A 136 -3.38 -3.54 -18.64
CA LYS A 136 -3.46 -3.01 -17.28
C LYS A 136 -4.83 -2.43 -16.97
N LEU A 137 -5.19 -2.38 -15.68
CA LEU A 137 -6.49 -1.90 -15.21
C LEU A 137 -6.79 -0.41 -15.61
N ARG A 138 -5.77 0.48 -15.63
CA ARG A 138 -5.95 1.89 -16.00
C ARG A 138 -5.68 2.23 -17.45
N ASP A 139 -5.15 1.30 -18.28
CA ASP A 139 -4.77 1.74 -19.61
C ASP A 139 -5.96 1.97 -20.52
N LYS A 140 -5.78 2.94 -21.44
CA LYS A 140 -6.80 3.38 -22.38
C LYS A 140 -6.67 2.52 -23.62
N ILE A 141 -7.78 1.94 -24.09
CA ILE A 141 -7.74 1.09 -25.27
C ILE A 141 -7.46 1.88 -26.54
N GLN A 142 -6.64 1.33 -27.43
CA GLN A 142 -6.31 1.90 -28.73
C GLN A 142 -7.55 1.69 -29.55
N ASN A 143 -8.00 2.69 -30.35
CA ASN A 143 -9.19 2.47 -31.16
C ASN A 143 -8.90 1.51 -32.31
N THR A 144 -7.83 1.74 -33.07
CA THR A 144 -7.43 0.89 -34.17
C THR A 144 -6.51 -0.21 -33.65
N LEU A 145 -6.62 -1.38 -34.26
CA LEU A 145 -5.77 -2.51 -33.94
C LEU A 145 -4.31 -2.15 -34.32
N GLN A 146 -3.38 -2.29 -33.36
CA GLN A 146 -1.95 -2.00 -33.53
C GLN A 146 -1.21 -3.30 -33.74
N LYS A 147 -0.09 -3.22 -34.47
CA LYS A 147 0.81 -4.33 -34.76
C LYS A 147 2.24 -3.88 -34.46
N ALA A 148 3.11 -4.83 -34.14
CA ALA A 148 4.55 -4.60 -33.95
C ALA A 148 5.29 -5.91 -34.16
N LYS A 149 6.40 -5.87 -34.94
CA LYS A 149 7.27 -7.04 -35.18
C LYS A 149 8.21 -7.18 -33.99
N ILE A 150 8.07 -8.29 -33.26
CA ILE A 150 8.86 -8.53 -32.03
C ILE A 150 9.85 -9.68 -32.16
N PRO A 151 11.12 -9.45 -31.76
CA PRO A 151 12.07 -10.60 -31.73
C PRO A 151 11.81 -11.54 -30.54
N LEU A 152 12.05 -12.86 -30.71
CA LEU A 152 11.92 -13.81 -29.59
C LEU A 152 13.15 -13.64 -28.70
N VAL A 153 13.02 -13.91 -27.39
CA VAL A 153 14.17 -13.89 -26.48
C VAL A 153 14.25 -15.30 -25.86
N THR A 154 15.46 -15.87 -25.77
CA THR A 154 15.67 -17.23 -25.21
C THR A 154 15.16 -17.30 -23.75
N ASN A 155 14.78 -18.49 -23.29
CA ASN A 155 14.26 -18.71 -21.94
C ASN A 155 15.34 -18.44 -20.94
N GLU A 156 16.59 -18.73 -21.30
CA GLU A 156 17.79 -18.48 -20.47
C GLU A 156 17.96 -16.98 -20.26
N GLU A 157 17.87 -16.18 -21.36
CA GLU A 157 18.00 -14.71 -21.29
C GLU A 157 16.82 -14.14 -20.51
N CYS A 158 15.64 -14.74 -20.69
CA CYS A 158 14.41 -14.35 -20.01
C CYS A 158 14.46 -14.58 -18.49
N GLN A 159 14.99 -15.73 -18.08
CA GLN A 159 15.15 -16.08 -16.66
C GLN A 159 16.09 -15.11 -15.92
N LYS A 160 17.14 -14.64 -16.62
CA LYS A 160 18.13 -13.71 -16.10
CA LYS A 160 18.14 -13.70 -16.12
C LYS A 160 17.43 -12.41 -15.72
N ARG A 161 16.45 -11.99 -16.53
CA ARG A 161 15.67 -10.76 -16.32
C ARG A 161 14.68 -10.93 -15.21
N TYR A 162 14.07 -12.11 -15.11
CA TYR A 162 13.05 -12.39 -14.10
C TYR A 162 13.57 -13.35 -13.05
N ARG A 163 14.64 -12.95 -12.35
CA ARG A 163 15.27 -13.80 -11.32
C ARG A 163 14.30 -14.26 -10.20
N GLY A 164 13.30 -13.42 -9.89
CA GLY A 164 12.29 -13.67 -8.88
C GLY A 164 11.25 -14.73 -9.19
N HIS A 165 11.08 -15.07 -10.49
CA HIS A 165 10.11 -16.08 -10.93
C HIS A 165 10.77 -17.20 -11.74
N LYS A 166 10.01 -18.27 -12.03
CA LYS A 166 10.49 -19.43 -12.79
C LYS A 166 9.96 -19.40 -14.23
N ILE A 167 10.88 -19.25 -15.22
CA ILE A 167 10.51 -19.21 -16.64
C ILE A 167 10.53 -20.64 -17.13
N THR A 168 9.35 -21.26 -17.19
CA THR A 168 9.23 -22.65 -17.58
C THR A 168 9.29 -22.81 -19.10
N HIS A 169 9.39 -24.09 -19.56
CA HIS A 169 9.38 -24.58 -20.93
C HIS A 169 8.04 -24.26 -21.59
N LYS A 170 6.97 -24.16 -20.77
CA LYS A 170 5.60 -23.89 -21.21
C LYS A 170 5.37 -22.38 -21.41
N MET A 171 6.47 -21.61 -21.38
CA MET A 171 6.57 -20.18 -21.59
C MET A 171 7.55 -19.85 -22.70
N ILE A 172 7.25 -18.77 -23.44
CA ILE A 172 8.07 -18.26 -24.53
C ILE A 172 8.20 -16.76 -24.36
N CYS A 173 9.42 -16.23 -24.46
CA CYS A 173 9.62 -14.79 -24.26
C CYS A 173 9.86 -14.04 -25.53
N ALA A 174 9.38 -12.79 -25.59
CA ALA A 174 9.54 -11.95 -26.79
C ALA A 174 9.75 -10.50 -26.43
N GLY A 175 10.75 -9.87 -27.04
CA GLY A 175 11.11 -8.50 -26.75
C GLY A 175 12.43 -8.03 -27.32
N TYR A 176 12.94 -6.90 -26.78
CA TYR A 176 14.18 -6.26 -27.28
C TYR A 176 14.03 -5.82 -28.73
N ARG A 177 12.87 -5.22 -29.00
CA ARG A 177 12.44 -4.62 -30.25
C ARG A 177 13.20 -3.32 -30.45
N GLU A 178 13.69 -3.09 -31.68
CA GLU A 178 14.42 -1.90 -32.11
C GLU A 178 13.51 -0.67 -32.05
N ALA A 183 6.90 1.21 -27.70
CA ALA A 183 5.86 0.56 -26.90
C ALA A 183 4.94 -0.36 -27.73
N CYS A 184 4.66 -1.59 -27.22
CA CYS A 184 3.78 -2.60 -27.84
C CYS A 184 2.37 -2.50 -27.36
N LYS A 185 1.42 -2.95 -28.19
CA LYS A 185 0.02 -2.84 -27.87
C LYS A 185 -0.73 -4.15 -27.91
N GLY A 186 -0.12 -5.23 -27.46
CA GLY A 186 -0.84 -6.50 -27.37
C GLY A 186 -1.86 -6.45 -26.26
N ASP A 187 -2.92 -7.26 -26.34
CA ASP A 187 -3.88 -7.29 -25.24
C ASP A 187 -3.66 -8.58 -24.53
N SER A 188 -4.12 -8.66 -23.28
CA SER A 188 -4.13 -9.88 -22.51
C SER A 188 -4.93 -10.87 -23.35
N GLY A 189 -4.40 -12.07 -23.51
CA GLY A 189 -5.01 -13.13 -24.31
C GLY A 189 -4.76 -13.06 -25.79
N GLY A 190 -4.16 -11.96 -26.20
CA GLY A 190 -3.87 -11.67 -27.60
C GLY A 190 -2.77 -12.53 -28.18
N PRO A 191 -2.74 -12.62 -29.52
CA PRO A 191 -1.74 -13.45 -30.19
C PRO A 191 -0.36 -12.86 -30.39
N LEU A 192 0.62 -13.76 -30.31
CA LEU A 192 1.99 -13.55 -30.71
C LEU A 192 2.06 -14.53 -31.89
N SER A 193 1.99 -14.00 -33.12
CA SER A 193 1.90 -14.73 -34.40
C SER A 193 3.16 -14.66 -35.20
N CYS A 194 3.68 -15.82 -35.60
CA CYS A 194 4.91 -15.88 -36.36
C CYS A 194 4.67 -16.53 -37.71
N LYS A 195 5.16 -15.91 -38.77
CA LYS A 195 5.03 -16.41 -40.13
C LYS A 195 6.28 -17.26 -40.43
N HIS A 196 6.07 -18.57 -40.61
CA HIS A 196 7.13 -19.55 -40.84
C HIS A 196 6.82 -20.34 -42.10
N ASN A 197 7.74 -20.30 -43.07
CA ASN A 197 7.61 -20.94 -44.38
C ASN A 197 6.28 -20.50 -45.05
N GLU A 198 6.04 -19.16 -45.02
CA GLU A 198 4.91 -18.40 -45.58
C GLU A 198 3.53 -18.81 -45.04
N VAL A 199 3.47 -19.25 -43.76
CA VAL A 199 2.26 -19.69 -43.06
C VAL A 199 2.25 -19.13 -41.63
N TRP A 200 1.14 -18.49 -41.23
CA TRP A 200 0.99 -17.92 -39.88
C TRP A 200 0.73 -18.98 -38.81
N HIS A 201 1.51 -18.95 -37.71
CA HIS A 201 1.32 -19.89 -36.58
C HIS A 201 1.10 -19.11 -35.30
N LEU A 202 0.22 -19.61 -34.44
CA LEU A 202 -0.09 -19.00 -33.14
C LEU A 202 0.95 -19.49 -32.11
N VAL A 203 2.09 -18.82 -32.07
CA VAL A 203 3.20 -19.21 -31.25
C VAL A 203 2.96 -18.83 -29.80
N GLY A 204 2.45 -17.65 -29.54
CA GLY A 204 2.24 -17.22 -28.16
C GLY A 204 0.91 -16.60 -27.82
N ILE A 205 0.61 -16.55 -26.51
CA ILE A 205 -0.55 -15.89 -25.96
C ILE A 205 0.00 -14.90 -24.90
N THR A 206 -0.24 -13.60 -25.07
CA THR A 206 0.14 -12.53 -24.16
C THR A 206 -0.36 -12.84 -22.76
N SER A 207 0.59 -12.96 -21.83
CA SER A 207 0.28 -13.39 -20.46
C SER A 207 0.80 -12.39 -19.44
N TRP A 208 2.12 -12.36 -19.24
CA TRP A 208 2.73 -11.44 -18.31
C TRP A 208 4.05 -10.88 -18.88
N GLY A 209 4.83 -10.21 -18.05
CA GLY A 209 6.02 -9.56 -18.53
C GLY A 209 5.75 -8.09 -18.69
N GLU A 210 6.80 -7.33 -19.05
CA GLU A 210 6.74 -5.87 -19.09
C GLU A 210 6.35 -5.30 -20.39
N GLY A 211 7.19 -5.55 -21.40
CA GLY A 211 6.98 -5.02 -22.74
C GLY A 211 7.91 -5.60 -23.77
N CYS A 212 7.93 -4.98 -24.93
CA CYS A 212 8.71 -5.49 -26.04
C CYS A 212 9.94 -4.66 -26.37
N ALA A 213 10.02 -3.40 -25.88
CA ALA A 213 11.15 -2.52 -26.23
C ALA A 213 12.48 -2.95 -25.59
N GLN A 214 13.59 -2.56 -26.24
CA GLN A 214 14.96 -2.85 -25.83
C GLN A 214 15.24 -2.49 -24.35
N ARG A 215 14.65 -1.38 -23.85
CA ARG A 215 14.79 -0.87 -22.47
C ARG A 215 13.87 -1.55 -21.44
N GLU A 216 13.16 -2.63 -21.82
CA GLU A 216 12.20 -3.34 -20.95
C GLU A 216 12.56 -4.81 -20.76
N ARG A 217 12.01 -5.42 -19.68
CA ARG A 217 12.12 -6.88 -19.44
C ARG A 217 11.17 -7.49 -20.48
N PRO A 218 11.50 -8.64 -21.09
CA PRO A 218 10.64 -9.13 -22.18
C PRO A 218 9.29 -9.64 -21.74
N GLY A 219 8.35 -9.65 -22.66
CA GLY A 219 7.02 -10.18 -22.41
C GLY A 219 7.09 -11.69 -22.25
N VAL A 220 6.37 -12.24 -21.27
CA VAL A 220 6.30 -13.68 -21.06
C VAL A 220 4.97 -14.19 -21.64
N TYR A 221 5.07 -15.01 -22.66
CA TYR A 221 3.93 -15.59 -23.38
C TYR A 221 3.72 -17.05 -23.05
N THR A 222 2.46 -17.49 -23.11
CA THR A 222 2.11 -18.90 -22.98
C THR A 222 2.66 -19.50 -24.27
N ASN A 223 3.51 -20.51 -24.15
CA ASN A 223 4.17 -21.19 -25.28
C ASN A 223 3.15 -22.17 -25.88
N VAL A 224 2.42 -21.71 -26.92
CA VAL A 224 1.31 -22.49 -27.50
C VAL A 224 1.69 -23.94 -27.88
N VAL A 225 2.90 -24.19 -28.44
CA VAL A 225 3.37 -25.53 -28.85
C VAL A 225 3.32 -26.58 -27.69
N GLU A 226 3.45 -26.13 -26.43
CA GLU A 226 3.41 -27.01 -25.27
C GLU A 226 1.98 -27.36 -24.90
N TYR A 227 1.00 -26.68 -25.49
CA TYR A 227 -0.41 -26.92 -25.17
C TYR A 227 -1.19 -27.55 -26.30
N VAL A 228 -0.51 -27.85 -27.40
CA VAL A 228 -1.11 -28.46 -28.59
C VAL A 228 -1.91 -29.74 -28.21
N ASP A 229 -1.36 -30.57 -27.30
CA ASP A 229 -2.03 -31.78 -26.79
C ASP A 229 -3.32 -31.37 -26.11
N TRP A 230 -3.24 -30.39 -25.17
CA TRP A 230 -4.36 -29.85 -24.39
C TRP A 230 -5.43 -29.24 -25.29
N ILE A 231 -5.03 -28.44 -26.30
CA ILE A 231 -5.96 -27.80 -27.24
C ILE A 231 -6.72 -28.87 -28.05
N LEU A 232 -6.02 -29.84 -28.65
CA LEU A 232 -6.67 -30.88 -29.48
C LEU A 232 -7.64 -31.73 -28.68
N GLU A 233 -7.23 -32.16 -27.47
CA GLU A 233 -8.07 -32.93 -26.54
C GLU A 233 -9.37 -32.16 -26.16
N LYS A 234 -9.24 -30.86 -25.87
CA LYS A 234 -10.39 -30.07 -25.45
C LYS A 234 -11.31 -29.70 -26.61
N THR A 235 -10.77 -29.67 -27.84
CA THR A 235 -11.54 -29.31 -29.03
C THR A 235 -11.99 -30.55 -29.83
N GLN A 236 -11.77 -31.76 -29.27
CA GLN A 236 -12.17 -33.03 -29.87
C GLN A 236 -13.68 -33.24 -29.71
N VAL B 3 -16.03 1.82 -2.70
CA VAL B 3 -16.12 2.05 -1.24
C VAL B 3 -16.14 0.74 -0.46
N LEU B 4 -14.99 0.33 0.10
CA LEU B 4 -14.95 -0.91 0.86
C LEU B 4 -15.16 -0.63 2.33
N THR B 5 -16.07 -1.37 2.97
CA THR B 5 -16.46 -1.26 4.37
C THR B 5 -15.89 -2.44 5.18
N GLN B 6 -15.21 -2.12 6.29
CA GLN B 6 -14.62 -3.11 7.20
C GLN B 6 -15.11 -2.76 8.60
N PRO B 7 -15.30 -3.72 9.53
CA PRO B 7 -15.66 -3.32 10.91
C PRO B 7 -14.50 -2.51 11.52
N PRO B 8 -14.69 -1.41 12.27
CA PRO B 8 -13.52 -0.65 12.76
C PRO B 8 -12.59 -1.42 13.69
N SER B 9 -13.15 -2.40 14.44
CA SER B 9 -12.36 -3.19 15.37
C SER B 9 -12.58 -4.68 15.28
N ALA B 10 -11.57 -5.41 15.73
CA ALA B 10 -11.55 -6.86 15.83
C ALA B 10 -10.75 -7.19 17.07
N SER B 11 -10.87 -8.43 17.57
CA SER B 11 -10.17 -8.86 18.79
C SER B 11 -10.05 -10.37 18.88
N GLY B 12 -9.08 -10.81 19.70
CA GLY B 12 -8.81 -12.22 19.98
C GLY B 12 -7.68 -12.39 20.97
N THR B 13 -7.63 -13.55 21.66
CA THR B 13 -6.54 -13.80 22.62
C THR B 13 -5.39 -14.54 21.90
N PRO B 14 -4.16 -14.66 22.48
CA PRO B 14 -3.10 -15.37 21.77
C PRO B 14 -3.44 -16.80 21.36
N GLY B 15 -2.88 -17.20 20.22
CA GLY B 15 -3.10 -18.52 19.64
C GLY B 15 -4.47 -18.76 19.04
N GLN B 16 -5.39 -17.76 19.06
CA GLN B 16 -6.73 -17.89 18.48
C GLN B 16 -6.72 -17.55 16.99
N ARG B 17 -7.87 -17.77 16.35
CA ARG B 17 -8.07 -17.32 14.99
C ARG B 17 -9.00 -16.10 15.01
N VAL B 18 -8.61 -15.04 14.29
CA VAL B 18 -9.36 -13.80 14.12
C VAL B 18 -9.61 -13.60 12.63
N THR B 19 -10.87 -13.31 12.25
CA THR B 19 -11.20 -13.02 10.87
C THR B 19 -11.52 -11.55 10.74
N ILE B 20 -10.84 -10.89 9.81
CA ILE B 20 -11.10 -9.49 9.48
C ILE B 20 -11.90 -9.54 8.19
N SER B 21 -13.09 -8.92 8.19
CA SER B 21 -13.98 -8.96 7.03
C SER B 21 -14.00 -7.66 6.22
N CYS B 22 -14.31 -7.77 4.93
CA CYS B 22 -14.35 -6.66 3.99
C CYS B 22 -15.57 -6.75 3.04
N SER B 23 -16.48 -5.79 3.15
CA SER B 23 -17.71 -5.71 2.35
C SER B 23 -17.54 -4.77 1.15
N GLY B 24 -17.96 -5.23 -0.02
CA GLY B 24 -17.85 -4.42 -1.23
C GLY B 24 -19.05 -4.52 -2.15
N SER B 25 -18.81 -4.35 -3.47
CA SER B 25 -19.84 -4.40 -4.49
C SER B 25 -19.35 -5.12 -5.74
N SER B 26 -20.29 -5.33 -6.67
CA SER B 26 -20.04 -6.01 -7.94
C SER B 26 -18.94 -5.30 -8.75
N SER B 27 -18.82 -3.95 -8.64
CA SER B 27 -17.79 -3.16 -9.36
C SER B 27 -16.36 -3.37 -8.85
N ASN B 28 -16.20 -3.65 -7.56
CA ASN B 28 -14.88 -3.86 -6.95
C ASN B 28 -14.65 -5.36 -6.62
N ILE B 29 -14.87 -5.81 -5.36
CA ILE B 29 -14.69 -7.18 -4.84
C ILE B 29 -15.43 -8.22 -5.70
N GLY B 30 -16.67 -7.91 -6.04
CA GLY B 30 -17.53 -8.76 -6.87
C GLY B 30 -16.91 -9.21 -8.16
N SER B 31 -15.96 -8.41 -8.73
CA SER B 31 -15.33 -8.79 -10.01
C SER B 31 -13.83 -8.41 -10.10
N ASN B 32 -13.16 -8.18 -8.96
CA ASN B 32 -11.75 -7.81 -8.96
C ASN B 32 -10.92 -8.52 -7.91
N ASP B 33 -9.64 -8.65 -8.21
CA ASP B 33 -8.68 -9.27 -7.29
C ASP B 33 -8.47 -8.45 -6.01
N VAL B 34 -8.54 -9.11 -4.87
CA VAL B 34 -8.45 -8.47 -3.55
C VAL B 34 -7.05 -8.59 -2.97
N SER B 35 -6.62 -7.53 -2.27
CA SER B 35 -5.34 -7.49 -1.54
C SER B 35 -5.52 -7.03 -0.12
N TRP B 36 -4.59 -7.42 0.74
CA TRP B 36 -4.62 -7.11 2.15
C TRP B 36 -3.28 -6.53 2.63
N TYR B 37 -3.37 -5.52 3.46
CA TYR B 37 -2.25 -4.79 4.03
C TYR B 37 -2.30 -4.77 5.51
N GLN B 38 -1.15 -4.87 6.11
CA GLN B 38 -0.99 -4.76 7.54
C GLN B 38 -0.16 -3.51 7.84
N GLN B 39 -0.67 -2.72 8.77
CA GLN B 39 0.06 -1.54 9.15
C GLN B 39 0.22 -1.55 10.64
N LEU B 40 1.45 -1.78 11.09
CA LEU B 40 1.79 -1.80 12.53
C LEU B 40 1.93 -0.34 12.98
N PRO B 41 1.65 0.00 14.25
CA PRO B 41 1.75 1.42 14.66
C PRO B 41 3.07 2.08 14.26
N GLY B 42 2.98 3.26 13.62
CA GLY B 42 4.10 4.07 13.19
C GLY B 42 5.00 3.52 12.10
N THR B 43 4.48 2.55 11.31
CA THR B 43 5.20 1.92 10.20
C THR B 43 4.34 2.09 8.94
N ALA B 44 4.92 1.79 7.79
CA ALA B 44 4.21 1.85 6.53
C ALA B 44 3.36 0.57 6.38
N PRO B 45 2.39 0.53 5.45
CA PRO B 45 1.66 -0.72 5.22
C PRO B 45 2.57 -1.79 4.59
N LYS B 46 2.22 -3.05 4.83
CA LYS B 46 2.92 -4.21 4.29
C LYS B 46 1.88 -5.09 3.59
N LEU B 47 2.18 -5.55 2.38
CA LEU B 47 1.34 -6.46 1.62
C LEU B 47 1.38 -7.83 2.30
N LEU B 48 0.21 -8.32 2.75
CA LEU B 48 -0.02 -9.61 3.40
C LEU B 48 -0.51 -10.64 2.41
N ILE B 49 -1.46 -10.23 1.54
CA ILE B 49 -2.13 -11.06 0.52
C ILE B 49 -2.31 -10.23 -0.74
N TYR B 50 -2.16 -10.85 -1.91
CA TYR B 50 -2.46 -10.26 -3.19
C TYR B 50 -3.18 -11.31 -4.00
N LYS B 51 -3.95 -10.89 -5.03
CA LYS B 51 -4.76 -11.80 -5.87
C LYS B 51 -5.54 -12.82 -5.04
N ASN B 52 -6.29 -12.26 -4.08
CA ASN B 52 -7.25 -12.93 -3.22
C ASN B 52 -6.71 -13.79 -2.11
N TYR B 53 -5.78 -14.70 -2.40
CA TYR B 53 -5.31 -15.65 -1.42
C TYR B 53 -3.79 -15.85 -1.42
N ASN B 54 -3.08 -15.23 -2.34
CA ASN B 54 -1.65 -15.42 -2.46
C ASN B 54 -0.85 -14.66 -1.43
N ARG B 55 0.18 -15.30 -0.92
CA ARG B 55 1.04 -14.63 0.06
C ARG B 55 2.32 -14.31 -0.60
N PRO B 56 2.85 -13.08 -0.42
CA PRO B 56 4.18 -12.79 -0.94
C PRO B 56 5.26 -13.48 -0.08
N SER B 57 6.49 -13.57 -0.60
CA SER B 57 7.58 -14.21 0.09
C SER B 57 7.81 -13.63 1.48
N GLY B 58 7.80 -14.49 2.49
CA GLY B 58 8.04 -14.08 3.87
C GLY B 58 6.80 -13.90 4.71
N VAL B 59 5.62 -13.83 4.06
CA VAL B 59 4.37 -13.70 4.81
C VAL B 59 4.01 -15.12 5.33
N PRO B 60 3.95 -15.30 6.65
CA PRO B 60 3.71 -16.64 7.20
C PRO B 60 2.34 -17.19 6.83
N ASP B 61 2.29 -18.53 6.76
CA ASP B 61 1.13 -19.37 6.47
C ASP B 61 -0.08 -18.99 7.33
N ARG B 62 0.15 -18.45 8.57
CA ARG B 62 -0.85 -17.99 9.55
C ARG B 62 -1.87 -17.04 8.97
N PHE B 63 -1.48 -16.28 7.93
CA PHE B 63 -2.39 -15.33 7.27
C PHE B 63 -2.99 -15.98 6.05
N SER B 64 -4.32 -15.95 5.94
CA SER B 64 -4.95 -16.50 4.73
C SER B 64 -6.05 -15.59 4.24
N GLY B 65 -6.11 -15.41 2.94
CA GLY B 65 -7.15 -14.60 2.33
C GLY B 65 -8.17 -15.46 1.62
N SER B 66 -9.42 -15.00 1.56
CA SER B 66 -10.52 -15.67 0.85
C SER B 66 -11.45 -14.60 0.33
N LYS B 67 -12.38 -14.98 -0.55
CA LYS B 67 -13.34 -14.09 -1.17
C LYS B 67 -14.57 -14.88 -1.55
N SER B 68 -15.73 -14.34 -1.20
CA SER B 68 -17.03 -14.96 -1.53
C SER B 68 -17.99 -13.88 -1.97
N GLY B 69 -18.21 -13.80 -3.29
CA GLY B 69 -19.07 -12.80 -3.88
C GLY B 69 -18.50 -11.40 -3.74
N THR B 70 -19.26 -10.48 -3.14
CA THR B 70 -18.89 -9.08 -2.93
C THR B 70 -18.21 -8.89 -1.58
N SER B 71 -17.78 -9.99 -0.93
CA SER B 71 -17.10 -9.92 0.36
C SER B 71 -15.77 -10.65 0.29
N ALA B 72 -14.82 -10.22 1.11
CA ALA B 72 -13.49 -10.83 1.21
C ALA B 72 -13.12 -10.93 2.70
N SER B 73 -12.26 -11.91 3.03
CA SER B 73 -11.90 -12.16 4.44
C SER B 73 -10.41 -12.41 4.63
N LEU B 74 -9.87 -11.86 5.69
CA LEU B 74 -8.50 -12.14 6.07
C LEU B 74 -8.54 -12.93 7.36
N ALA B 75 -8.06 -14.16 7.32
CA ALA B 75 -8.02 -14.97 8.54
C ALA B 75 -6.60 -14.96 9.16
N ILE B 76 -6.53 -14.61 10.44
CA ILE B 76 -5.25 -14.58 11.17
C ILE B 76 -5.28 -15.65 12.23
N SER B 77 -4.61 -16.76 11.95
CA SER B 77 -4.56 -17.89 12.86
C SER B 77 -3.29 -17.78 13.70
N GLY B 78 -3.24 -18.50 14.82
CA GLY B 78 -2.09 -18.48 15.73
C GLY B 78 -1.70 -17.08 16.11
N LEU B 79 -2.72 -16.29 16.52
CA LEU B 79 -2.64 -14.88 16.87
C LEU B 79 -1.54 -14.57 17.89
N GLN B 80 -0.64 -13.65 17.55
CA GLN B 80 0.46 -13.17 18.38
C GLN B 80 0.17 -11.73 18.80
N SER B 81 0.71 -11.26 19.94
CA SER B 81 0.58 -9.87 20.39
C SER B 81 1.16 -8.88 19.31
N GLU B 82 2.18 -9.32 18.56
CA GLU B 82 2.82 -8.57 17.46
C GLU B 82 1.86 -8.31 16.27
N ASP B 83 0.73 -9.06 16.21
CA ASP B 83 -0.27 -8.94 15.13
C ASP B 83 -1.16 -7.73 15.31
N GLU B 84 -1.15 -7.12 16.52
CA GLU B 84 -1.91 -5.90 16.84
C GLU B 84 -1.50 -4.79 15.86
N ALA B 85 -2.39 -4.52 14.91
CA ALA B 85 -2.15 -3.59 13.81
C ALA B 85 -3.47 -3.18 13.15
N ASP B 86 -3.35 -2.42 12.08
CA ASP B 86 -4.48 -2.00 11.25
C ASP B 86 -4.41 -2.89 10.04
N TYR B 87 -5.56 -3.46 9.65
CA TYR B 87 -5.59 -4.33 8.47
C TYR B 87 -6.49 -3.73 7.39
N TYR B 88 -5.96 -3.59 6.19
CA TYR B 88 -6.72 -2.98 5.10
C TYR B 88 -6.93 -3.90 3.93
N CYS B 89 -8.18 -3.96 3.43
CA CYS B 89 -8.46 -4.68 2.19
C CYS B 89 -8.41 -3.63 1.07
N SER B 90 -8.25 -4.09 -0.15
CA SER B 90 -8.12 -3.23 -1.31
C SER B 90 -8.46 -4.01 -2.55
N ALA B 91 -9.04 -3.31 -3.51
CA ALA B 91 -9.43 -3.87 -4.80
C ALA B 91 -9.51 -2.77 -5.82
N TRP B 92 -9.27 -3.10 -7.08
CA TRP B 92 -9.53 -2.17 -8.17
C TRP B 92 -11.06 -2.02 -8.27
N ASP B 93 -11.58 -0.83 -8.60
CA ASP B 93 -13.01 -0.66 -8.83
C ASP B 93 -13.21 -0.17 -10.25
N GLN B 94 -13.81 -1.02 -11.09
CA GLN B 94 -14.05 -0.75 -12.52
C GLN B 94 -14.96 0.44 -12.78
N ARG B 95 -16.02 0.60 -11.94
CA ARG B 95 -17.00 1.68 -12.08
C ARG B 95 -16.37 3.02 -11.72
N GLN B 96 -15.73 3.11 -10.53
CA GLN B 96 -15.05 4.35 -10.16
C GLN B 96 -13.77 4.56 -10.97
N PHE B 97 -13.19 3.49 -11.50
CA PHE B 97 -11.95 3.50 -12.27
C PHE B 97 -10.78 3.99 -11.36
N ASP B 98 -10.66 3.35 -10.20
CA ASP B 98 -9.61 3.65 -9.21
C ASP B 98 -9.43 2.46 -8.29
N VAL B 99 -8.24 2.37 -7.69
CA VAL B 99 -7.99 1.37 -6.66
C VAL B 99 -8.65 1.93 -5.36
N VAL B 100 -9.43 1.11 -4.67
CA VAL B 100 -10.17 1.50 -3.46
CA VAL B 100 -10.11 1.54 -3.44
C VAL B 100 -9.64 0.72 -2.25
N PHE B 101 -9.78 1.26 -1.05
CA PHE B 101 -9.35 0.65 0.19
C PHE B 101 -10.51 0.63 1.17
N GLY B 102 -10.46 -0.34 2.09
CA GLY B 102 -11.39 -0.36 3.21
C GLY B 102 -10.95 0.72 4.18
N GLY B 103 -11.77 1.00 5.18
CA GLY B 103 -11.36 2.00 6.15
C GLY B 103 -10.40 1.47 7.19
N GLY B 104 -10.11 0.17 7.11
CA GLY B 104 -9.24 -0.51 8.06
C GLY B 104 -9.91 -1.02 9.30
N THR B 105 -9.39 -2.14 9.83
CA THR B 105 -9.83 -2.69 11.11
C THR B 105 -8.63 -2.68 12.06
N LYS B 106 -8.84 -2.16 13.26
CA LYS B 106 -7.87 -2.10 14.32
C LYS B 106 -8.03 -3.40 15.10
N LEU B 107 -7.06 -4.32 14.93
CA LEU B 107 -7.01 -5.60 15.64
C LEU B 107 -6.30 -5.38 17.00
N THR B 108 -6.96 -5.80 18.09
CA THR B 108 -6.49 -5.77 19.49
C THR B 108 -6.22 -7.22 19.98
N VAL B 109 -5.05 -7.46 20.60
CA VAL B 109 -4.71 -8.78 21.17
C VAL B 109 -4.92 -8.68 22.68
N LEU B 110 -5.82 -9.53 23.19
CA LEU B 110 -6.20 -9.62 24.61
C LEU B 110 -5.39 -10.70 25.32
N GLY B 111 -5.67 -10.90 26.61
CA GLY B 111 -5.01 -11.91 27.43
C GLY B 111 -3.86 -11.44 28.28
N GLN B 112 -3.68 -10.14 28.32
CA GLN B 112 -2.65 -9.55 29.15
C GLN B 112 -3.26 -9.54 30.56
N PRO B 113 -2.49 -9.85 31.61
CA PRO B 113 -3.08 -9.81 32.98
C PRO B 113 -3.35 -8.36 33.40
N LYS B 114 -4.38 -8.13 34.24
CA LYS B 114 -4.73 -6.81 34.76
C LYS B 114 -3.52 -6.21 35.50
N ALA B 115 -3.13 -4.95 35.20
CA ALA B 115 -2.01 -4.24 35.86
C ALA B 115 -2.42 -2.83 36.25
N ALA B 116 -2.17 -2.46 37.53
CA ALA B 116 -2.52 -1.14 38.02
C ALA B 116 -1.53 -0.11 37.45
N PRO B 117 -1.91 1.18 37.30
CA PRO B 117 -0.96 2.15 36.76
C PRO B 117 0.19 2.55 37.68
N SER B 118 1.40 2.72 37.12
CA SER B 118 2.55 3.29 37.81
C SER B 118 2.39 4.77 37.51
N VAL B 119 2.52 5.61 38.52
CA VAL B 119 2.37 7.05 38.35
C VAL B 119 3.60 7.81 38.83
N THR B 120 4.16 8.67 37.95
CA THR B 120 5.25 9.58 38.25
C THR B 120 4.72 11.03 38.07
N LEU B 121 4.67 11.82 39.15
CA LEU B 121 4.26 13.23 39.06
C LEU B 121 5.44 14.24 39.24
N PHE B 122 5.68 15.14 38.26
CA PHE B 122 6.72 16.16 38.34
C PHE B 122 6.17 17.56 38.57
N PRO B 123 6.84 18.34 39.44
CA PRO B 123 6.43 19.75 39.64
C PRO B 123 7.03 20.63 38.53
N PRO B 124 6.74 21.95 38.45
CA PRO B 124 7.43 22.78 37.43
C PRO B 124 8.87 22.97 37.82
N SER B 125 9.74 23.02 36.82
CA SER B 125 11.15 23.29 36.98
C SER B 125 11.34 24.79 37.25
N SER B 126 12.50 25.15 37.87
CA SER B 126 12.93 26.52 38.18
C SER B 126 12.98 27.31 36.87
N GLU B 127 13.50 26.68 35.82
CA GLU B 127 13.65 27.19 34.47
C GLU B 127 12.31 27.64 33.94
N GLU B 128 11.27 26.79 34.10
CA GLU B 128 9.94 27.12 33.65
C GLU B 128 9.30 28.24 34.48
N LEU B 129 9.51 28.19 35.80
CA LEU B 129 8.97 29.18 36.72
C LEU B 129 9.52 30.58 36.42
N GLN B 130 10.78 30.66 35.96
CA GLN B 130 11.48 31.88 35.56
C GLN B 130 10.90 32.48 34.28
N ALA B 131 10.40 31.60 33.38
CA ALA B 131 9.76 31.94 32.11
C ALA B 131 8.25 32.23 32.24
N ASN B 132 7.78 32.41 33.50
CA ASN B 132 6.41 32.76 33.92
C ASN B 132 5.34 31.76 33.52
N LYS B 133 5.73 30.50 33.57
CA LYS B 133 4.88 29.37 33.24
C LYS B 133 5.06 28.30 34.30
N ALA B 134 4.05 27.43 34.45
CA ALA B 134 4.07 26.33 35.38
C ALA B 134 3.24 25.19 34.79
N THR B 135 3.91 24.05 34.57
CA THR B 135 3.33 22.83 34.05
C THR B 135 3.68 21.66 35.00
N LEU B 136 2.65 20.96 35.47
CA LEU B 136 2.68 19.76 36.27
C LEU B 136 2.55 18.60 35.28
N VAL B 137 3.44 17.62 35.40
CA VAL B 137 3.52 16.51 34.46
C VAL B 137 3.24 15.19 35.18
N CYS B 138 2.08 14.60 34.87
CA CYS B 138 1.61 13.34 35.40
C CYS B 138 1.79 12.23 34.38
N LEU B 139 2.77 11.33 34.64
CA LEU B 139 3.08 10.20 33.75
C LEU B 139 2.55 8.89 34.31
N ILE B 140 1.81 8.17 33.46
CA ILE B 140 1.05 6.98 33.79
C ILE B 140 1.51 5.89 32.90
N SER B 141 1.94 4.78 33.49
CA SER B 141 2.46 3.68 32.70
C SER B 141 2.15 2.31 33.30
N ASP B 142 2.48 1.26 32.55
CA ASP B 142 2.36 -0.15 32.92
C ASP B 142 0.96 -0.56 33.39
N PHE B 143 -0.08 -0.01 32.71
CA PHE B 143 -1.44 -0.36 33.09
C PHE B 143 -2.10 -1.20 32.02
N TYR B 144 -2.96 -2.12 32.46
CA TYR B 144 -3.75 -2.98 31.60
C TYR B 144 -5.06 -3.39 32.27
N PRO B 145 -6.25 -3.27 31.64
CA PRO B 145 -6.57 -2.74 30.29
C PRO B 145 -6.18 -1.28 30.03
N GLY B 146 -6.15 -0.91 28.75
CA GLY B 146 -5.72 0.42 28.32
C GLY B 146 -6.74 1.52 28.40
N ALA B 147 -7.16 1.87 29.62
CA ALA B 147 -8.13 2.95 29.90
C ALA B 147 -7.91 3.45 31.31
N VAL B 148 -7.87 4.77 31.48
CA VAL B 148 -7.60 5.39 32.78
C VAL B 148 -8.39 6.70 32.95
N THR B 149 -8.68 7.08 34.20
CA THR B 149 -9.38 8.34 34.50
C THR B 149 -8.41 9.18 35.35
N VAL B 150 -8.24 10.46 34.98
CA VAL B 150 -7.34 11.39 35.65
C VAL B 150 -8.15 12.56 36.21
N ALA B 151 -7.88 12.88 37.47
CA ALA B 151 -8.41 14.01 38.20
C ALA B 151 -7.20 14.66 38.90
N TRP B 152 -7.18 16.00 38.93
CA TRP B 152 -6.15 16.80 39.59
C TRP B 152 -6.74 17.53 40.78
N LYS B 153 -5.93 17.70 41.84
CA LYS B 153 -6.34 18.36 43.08
C LYS B 153 -5.30 19.37 43.52
N ALA B 154 -5.73 20.47 44.15
CA ALA B 154 -4.85 21.50 44.73
C ALA B 154 -5.31 21.64 46.16
N ASP B 155 -4.49 21.19 47.12
CA ASP B 155 -4.81 21.13 48.56
C ASP B 155 -6.14 20.37 48.76
N SER B 156 -6.22 19.14 48.19
CA SER B 156 -7.36 18.20 48.21
C SER B 156 -8.69 18.72 47.58
N SER B 157 -8.66 19.83 46.82
CA SER B 157 -9.86 20.30 46.11
C SER B 157 -9.67 20.15 44.61
N PRO B 158 -10.71 19.70 43.84
CA PRO B 158 -10.54 19.49 42.39
C PRO B 158 -10.21 20.73 41.56
N VAL B 159 -9.31 20.54 40.58
CA VAL B 159 -8.83 21.53 39.62
C VAL B 159 -9.25 21.01 38.25
N LYS B 160 -10.25 21.60 37.60
CA LYS B 160 -10.67 21.11 36.28
C LYS B 160 -10.06 21.89 35.08
N ALA B 161 -9.84 23.20 35.25
CA ALA B 161 -9.28 24.12 34.23
C ALA B 161 -7.78 23.88 33.95
N GLY B 162 -7.37 24.09 32.70
CA GLY B 162 -5.98 23.93 32.26
C GLY B 162 -5.40 22.51 32.28
N VAL B 163 -6.27 21.46 32.13
CA VAL B 163 -5.91 20.03 32.05
C VAL B 163 -5.87 19.59 30.58
N GLU B 164 -4.81 18.88 30.18
CA GLU B 164 -4.64 18.28 28.84
C GLU B 164 -4.18 16.83 29.10
N THR B 165 -4.91 15.86 28.59
CA THR B 165 -4.63 14.44 28.82
C THR B 165 -4.59 13.71 27.48
N THR B 166 -3.59 12.85 27.29
CA THR B 166 -3.46 12.06 26.06
C THR B 166 -4.43 10.85 26.11
N THR B 167 -4.56 10.20 24.97
CA THR B 167 -5.31 8.98 24.85
C THR B 167 -4.33 7.93 25.38
N PRO B 168 -4.81 6.75 25.81
CA PRO B 168 -3.86 5.69 26.21
C PRO B 168 -3.17 5.13 24.98
N SER B 169 -1.91 4.79 25.11
CA SER B 169 -1.14 4.22 24.01
C SER B 169 -0.42 2.96 24.47
N LYS B 170 -0.28 1.99 23.58
CA LYS B 170 0.38 0.75 23.95
C LYS B 170 1.90 0.85 23.92
N GLN B 171 2.55 0.33 24.96
CA GLN B 171 4.00 0.25 25.13
C GLN B 171 4.53 -1.02 24.45
N SER B 172 5.87 -1.11 24.34
CA SER B 172 6.64 -2.22 23.77
C SER B 172 6.35 -3.54 24.52
N ASN B 173 6.10 -3.44 25.83
CA ASN B 173 5.83 -4.55 26.73
C ASN B 173 4.33 -4.93 26.78
N ASN B 174 3.51 -4.40 25.82
CA ASN B 174 2.07 -4.64 25.66
C ASN B 174 1.19 -4.03 26.77
N LYS B 175 1.80 -3.30 27.71
CA LYS B 175 1.01 -2.58 28.69
C LYS B 175 0.74 -1.18 28.08
N TYR B 176 -0.08 -0.35 28.73
CA TYR B 176 -0.48 0.95 28.20
C TYR B 176 0.07 2.14 29.02
N ALA B 177 0.28 3.29 28.34
CA ALA B 177 0.80 4.54 28.87
C ALA B 177 -0.11 5.71 28.54
N ALA B 178 -0.19 6.67 29.45
CA ALA B 178 -0.99 7.89 29.29
C ALA B 178 -0.25 9.06 29.91
N SER B 179 -0.59 10.25 29.45
CA SER B 179 0.08 11.44 29.98
C SER B 179 -0.96 12.50 30.30
N SER B 180 -0.81 13.18 31.43
CA SER B 180 -1.66 14.30 31.82
C SER B 180 -0.85 15.54 32.23
N TYR B 181 -1.27 16.71 31.74
CA TYR B 181 -0.54 17.95 31.99
C TYR B 181 -1.40 18.97 32.68
N LEU B 182 -0.87 19.61 33.72
CA LEU B 182 -1.60 20.67 34.39
C LEU B 182 -0.89 22.00 34.27
N SER B 183 -1.49 22.93 33.53
CA SER B 183 -0.93 24.24 33.36
C SER B 183 -1.51 25.20 34.39
N LEU B 184 -0.62 25.96 35.05
CA LEU B 184 -1.00 26.95 36.05
C LEU B 184 -0.12 28.15 35.83
N THR B 185 -0.46 29.25 36.48
CA THR B 185 0.36 30.45 36.49
C THR B 185 1.28 30.19 37.69
N PRO B 186 2.53 30.72 37.73
CA PRO B 186 3.37 30.53 38.92
C PRO B 186 2.71 30.96 40.24
N GLU B 187 1.75 31.92 40.21
CA GLU B 187 0.98 32.44 41.37
C GLU B 187 0.08 31.36 41.97
N GLN B 188 -0.59 30.54 41.10
CA GLN B 188 -1.44 29.41 41.51
C GLN B 188 -0.58 28.32 42.16
N TRP B 189 0.57 27.95 41.52
CA TRP B 189 1.49 26.93 42.04
C TRP B 189 1.94 27.18 43.48
N LYS B 190 2.30 28.44 43.77
CA LYS B 190 2.78 28.91 45.08
C LYS B 190 1.66 29.10 46.08
N SER B 191 0.47 29.55 45.63
CA SER B 191 -0.69 29.81 46.50
C SER B 191 -1.24 28.56 47.20
N HIS B 192 -0.78 27.38 46.76
CA HIS B 192 -1.20 26.09 47.33
C HIS B 192 -0.01 25.36 47.97
N ARG B 193 -0.29 24.58 49.02
CA ARG B 193 0.71 23.78 49.72
C ARG B 193 1.11 22.61 48.85
N SER B 194 0.14 22.02 48.14
CA SER B 194 0.39 20.85 47.28
C SER B 194 -0.59 20.69 46.14
N TYR B 195 -0.13 20.03 45.09
CA TYR B 195 -0.93 19.62 43.95
C TYR B 195 -0.86 18.10 43.82
N SER B 196 -1.98 17.48 43.42
CA SER B 196 -2.06 16.05 43.28
C SER B 196 -2.66 15.60 41.94
N CYS B 197 -2.18 14.47 41.44
CA CYS B 197 -2.70 13.82 40.24
C CYS B 197 -3.20 12.45 40.71
N GLN B 198 -4.51 12.24 40.66
CA GLN B 198 -5.17 10.99 41.01
C GLN B 198 -5.54 10.24 39.72
N VAL B 199 -5.04 9.01 39.57
CA VAL B 199 -5.25 8.15 38.42
C VAL B 199 -6.12 6.92 38.82
N THR B 200 -7.33 6.83 38.22
CA THR B 200 -8.29 5.76 38.44
C THR B 200 -8.26 4.74 37.32
N HIS B 201 -8.00 3.48 37.69
CA HIS B 201 -7.96 2.36 36.76
C HIS B 201 -8.77 1.21 37.34
N GLU B 202 -9.83 0.81 36.62
CA GLU B 202 -10.74 -0.28 36.97
C GLU B 202 -11.17 -0.19 38.46
N GLY B 203 -11.73 0.97 38.84
CA GLY B 203 -12.21 1.25 40.19
C GLY B 203 -11.21 1.65 41.26
N SER B 204 -9.90 1.35 41.05
CA SER B 204 -8.84 1.67 42.02
C SER B 204 -8.09 2.96 41.66
N THR B 205 -7.73 3.74 42.69
CA THR B 205 -7.05 5.03 42.54
C THR B 205 -5.58 4.94 42.97
N VAL B 206 -4.66 5.52 42.16
CA VAL B 206 -3.23 5.58 42.47
C VAL B 206 -2.85 7.04 42.48
N GLU B 207 -2.41 7.55 43.65
CA GLU B 207 -2.12 8.96 43.86
C GLU B 207 -0.66 9.38 43.96
N LYS B 208 -0.34 10.53 43.34
CA LYS B 208 0.96 11.19 43.48
C LYS B 208 0.76 12.67 43.82
N THR B 209 1.63 13.19 44.69
CA THR B 209 1.57 14.53 45.23
C THR B 209 2.87 15.26 45.04
N VAL B 210 2.77 16.55 44.75
CA VAL B 210 3.92 17.37 44.52
C VAL B 210 3.73 18.74 45.16
N ALA B 211 4.82 19.39 45.59
CA ALA B 211 4.75 20.66 46.31
C ALA B 211 5.85 21.67 45.99
N PRO B 212 5.60 22.99 46.13
CA PRO B 212 6.68 23.95 45.89
C PRO B 212 7.72 23.86 47.02
N THR B 213 9.02 24.03 46.66
CA THR B 213 10.19 24.04 47.55
C THR B 213 10.15 25.25 48.51
N GLN C 1 18.25 -5.20 0.62
CA GLN C 1 17.45 -5.50 -0.57
C GLN C 1 16.76 -4.23 -1.14
N VAL C 2 15.44 -4.33 -1.37
CA VAL C 2 14.55 -3.32 -1.91
C VAL C 2 14.41 -2.18 -0.90
N GLN C 3 14.70 -0.96 -1.34
CA GLN C 3 14.54 0.20 -0.47
C GLN C 3 13.82 1.28 -1.25
N LEU C 4 12.98 2.04 -0.56
CA LEU C 4 12.26 3.19 -1.08
C LEU C 4 12.34 4.21 0.04
N LEU C 5 13.26 5.17 -0.12
CA LEU C 5 13.50 6.18 0.92
C LEU C 5 12.88 7.47 0.49
N GLU C 6 11.99 8.01 1.31
CA GLU C 6 11.33 9.26 0.98
C GLU C 6 11.89 10.43 1.73
N SER C 7 11.76 11.63 1.14
CA SER C 7 12.14 12.90 1.76
C SER C 7 11.38 14.02 1.08
N GLY C 8 11.55 15.25 1.59
CA GLY C 8 10.90 16.41 1.01
C GLY C 8 9.67 16.84 1.77
N GLY C 9 9.21 16.00 2.69
CA GLY C 9 8.03 16.31 3.49
C GLY C 9 8.29 17.41 4.50
N GLY C 10 7.24 18.10 4.90
CA GLY C 10 7.34 19.14 5.92
C GLY C 10 6.11 20.00 6.04
N LEU C 11 6.25 21.10 6.79
CA LEU C 11 5.15 22.04 6.98
C LEU C 11 5.09 23.04 5.81
N VAL C 12 3.89 23.30 5.30
CA VAL C 12 3.65 24.28 4.24
C VAL C 12 2.40 25.08 4.49
N GLN C 13 2.46 26.37 4.11
CA GLN C 13 1.33 27.30 4.25
C GLN C 13 0.19 26.86 3.32
N PRO C 14 -1.09 27.14 3.64
CA PRO C 14 -2.18 26.83 2.69
C PRO C 14 -1.98 27.58 1.35
N GLY C 15 -2.13 26.85 0.26
CA GLY C 15 -1.91 27.37 -1.10
C GLY C 15 -0.48 27.15 -1.56
N GLY C 16 0.38 26.75 -0.62
CA GLY C 16 1.80 26.48 -0.85
C GLY C 16 2.06 25.27 -1.73
N SER C 17 3.37 25.04 -2.00
CA SER C 17 3.87 23.98 -2.88
C SER C 17 4.97 23.22 -2.22
N LEU C 18 5.13 21.94 -2.61
CA LEU C 18 6.14 21.06 -2.03
C LEU C 18 6.52 19.99 -3.02
N ARG C 19 7.80 19.62 -3.03
CA ARG C 19 8.30 18.57 -3.91
C ARG C 19 8.77 17.37 -3.10
N LEU C 20 8.00 16.29 -3.16
CA LEU C 20 8.32 15.07 -2.43
C LEU C 20 9.21 14.24 -3.30
N SER C 21 10.15 13.52 -2.72
CA SER C 21 10.99 12.61 -3.48
C SER C 21 11.03 11.20 -2.84
N CYS C 22 11.35 10.18 -3.66
CA CYS C 22 11.41 8.80 -3.26
C CYS C 22 12.54 8.15 -4.03
N ALA C 23 13.62 7.81 -3.32
CA ALA C 23 14.82 7.17 -3.91
C ALA C 23 14.71 5.65 -3.76
N ALA C 24 14.97 4.94 -4.83
CA ALA C 24 14.88 3.48 -4.86
C ALA C 24 16.19 2.74 -4.95
N SER C 25 16.22 1.56 -4.34
CA SER C 25 17.40 0.69 -4.34
C SER C 25 16.96 -0.77 -4.35
N GLY C 26 17.80 -1.65 -4.89
CA GLY C 26 17.63 -3.11 -4.87
C GLY C 26 16.68 -3.81 -5.82
N PHE C 27 16.19 -3.08 -6.83
CA PHE C 27 15.32 -3.59 -7.91
C PHE C 27 15.55 -2.63 -9.06
N THR C 28 15.34 -3.10 -10.29
CA THR C 28 15.56 -2.26 -11.46
C THR C 28 14.39 -1.27 -11.61
N PHE C 29 14.59 -0.07 -11.07
CA PHE C 29 13.61 1.03 -11.05
C PHE C 29 12.84 1.26 -12.35
N SER C 30 13.55 1.34 -13.49
CA SER C 30 12.93 1.65 -14.78
C SER C 30 11.82 0.67 -15.21
N THR C 31 11.84 -0.58 -14.69
CA THR C 31 10.87 -1.63 -15.02
C THR C 31 9.56 -1.50 -14.23
N ALA C 32 9.59 -0.73 -13.11
CA ALA C 32 8.49 -0.57 -12.17
C ALA C 32 7.54 0.59 -12.38
N ALA C 33 6.24 0.32 -12.18
CA ALA C 33 5.18 1.32 -12.15
C ALA C 33 5.22 1.85 -10.74
N MET C 34 5.20 3.16 -10.58
CA MET C 34 5.36 3.70 -9.24
C MET C 34 4.20 4.55 -8.87
N SER C 35 3.87 4.57 -7.58
CA SER C 35 2.74 5.35 -7.09
C SER C 35 2.97 6.07 -5.79
N TRP C 36 2.11 7.07 -5.52
CA TRP C 36 2.03 7.75 -4.26
C TRP C 36 0.66 7.42 -3.71
N VAL C 37 0.66 7.00 -2.45
CA VAL C 37 -0.50 6.63 -1.64
C VAL C 37 -0.37 7.43 -0.36
N ARG C 38 -1.42 8.17 0.03
CA ARG C 38 -1.40 8.95 1.26
C ARG C 38 -2.33 8.44 2.34
N GLN C 39 -2.06 8.90 3.57
CA GLN C 39 -2.89 8.50 4.69
C GLN C 39 -3.08 9.68 5.60
N ALA C 40 -4.30 10.22 5.60
CA ALA C 40 -4.70 11.37 6.41
C ALA C 40 -4.67 10.94 7.88
N PRO C 41 -4.40 11.83 8.86
CA PRO C 41 -4.25 11.37 10.27
C PRO C 41 -5.44 10.57 10.82
N GLY C 42 -5.14 9.38 11.39
CA GLY C 42 -6.13 8.46 11.94
C GLY C 42 -7.14 7.93 10.94
N LYS C 43 -6.85 8.02 9.63
CA LYS C 43 -7.70 7.57 8.53
C LYS C 43 -7.01 6.44 7.77
N GLY C 44 -7.65 5.99 6.70
CA GLY C 44 -7.13 4.92 5.86
C GLY C 44 -6.31 5.40 4.68
N LEU C 45 -6.11 4.54 3.69
CA LEU C 45 -5.26 4.80 2.53
C LEU C 45 -6.01 5.35 1.33
N GLU C 46 -5.36 6.25 0.56
CA GLU C 46 -5.93 6.88 -0.60
C GLU C 46 -4.85 6.99 -1.68
N TRP C 47 -5.08 6.36 -2.83
CA TRP C 47 -4.11 6.47 -3.93
C TRP C 47 -4.17 7.89 -4.49
N VAL C 48 -3.00 8.45 -4.79
CA VAL C 48 -2.89 9.84 -5.24
C VAL C 48 -2.56 9.92 -6.71
N SER C 49 -1.48 9.25 -7.10
CA SER C 49 -1.01 9.26 -8.47
CA SER C 49 -0.94 9.31 -8.46
C SER C 49 -0.08 8.10 -8.75
N GLY C 50 0.01 7.75 -10.00
CA GLY C 50 0.80 6.65 -10.48
C GLY C 50 1.49 7.04 -11.76
N ILE C 51 2.56 6.34 -12.08
CA ILE C 51 3.35 6.64 -13.28
C ILE C 51 3.92 5.36 -13.75
N SER C 52 3.97 5.18 -15.06
CA SER C 52 4.52 4.01 -15.71
C SER C 52 6.02 4.02 -15.60
N GLY C 53 6.63 2.88 -15.93
CA GLY C 53 8.08 2.69 -15.91
C GLY C 53 8.83 3.73 -16.74
N SER C 54 8.42 3.90 -18.00
CA SER C 54 9.02 4.89 -18.92
C SER C 54 8.76 6.34 -18.46
N GLY C 55 7.55 6.59 -17.96
CA GLY C 55 7.09 7.91 -17.53
C GLY C 55 6.08 8.48 -18.50
N SER C 56 5.80 7.67 -19.55
CA SER C 56 4.89 7.94 -20.67
C SER C 56 3.46 8.22 -20.23
N SER C 57 2.96 7.44 -19.24
CA SER C 57 1.60 7.61 -18.73
C SER C 57 1.55 7.90 -17.25
N THR C 58 0.76 8.91 -16.90
CA THR C 58 0.60 9.37 -15.53
C THR C 58 -0.91 9.39 -15.25
N TYR C 59 -1.30 9.10 -14.02
CA TYR C 59 -2.70 9.03 -13.61
C TYR C 59 -2.82 9.76 -12.28
N TYR C 60 -3.99 10.36 -11.97
CA TYR C 60 -4.14 11.14 -10.73
C TYR C 60 -5.51 10.94 -10.20
N ALA C 61 -5.67 10.96 -8.86
CA ALA C 61 -6.97 10.85 -8.20
C ALA C 61 -7.75 12.13 -8.52
N ASP C 62 -9.09 12.08 -8.43
CA ASP C 62 -9.87 13.27 -8.78
C ASP C 62 -9.57 14.51 -7.90
N SER C 63 -9.33 14.30 -6.61
CA SER C 63 -9.06 15.38 -5.67
C SER C 63 -7.75 16.14 -5.88
N VAL C 64 -6.81 15.64 -6.73
CA VAL C 64 -5.50 16.26 -6.92
C VAL C 64 -5.17 16.61 -8.39
N LYS C 65 -6.08 16.33 -9.33
CA LYS C 65 -5.91 16.66 -10.76
C LYS C 65 -5.69 18.16 -10.93
N GLY C 66 -4.72 18.50 -11.76
CA GLY C 66 -4.28 19.87 -12.02
C GLY C 66 -3.55 20.58 -10.90
N ARG C 67 -3.29 19.89 -9.76
CA ARG C 67 -2.52 20.48 -8.64
C ARG C 67 -1.21 19.73 -8.45
N PHE C 68 -1.28 18.39 -8.47
CA PHE C 68 -0.11 17.53 -8.31
C PHE C 68 0.39 17.10 -9.66
N THR C 69 1.71 16.90 -9.77
CA THR C 69 2.37 16.40 -10.97
C THR C 69 3.30 15.28 -10.54
N ILE C 70 3.20 14.13 -11.18
CA ILE C 70 4.11 13.01 -10.88
C ILE C 70 5.21 12.96 -11.94
N SER C 71 6.44 12.62 -11.53
CA SER C 71 7.56 12.44 -12.47
C SER C 71 8.58 11.43 -11.95
N ARG C 72 9.50 11.02 -12.80
CA ARG C 72 10.55 10.07 -12.44
C ARG C 72 11.81 10.33 -13.20
N ASP C 73 12.95 9.95 -12.60
CA ASP C 73 14.27 10.03 -13.22
C ASP C 73 14.85 8.62 -13.08
N ASN C 74 14.79 7.84 -14.16
CA ASN C 74 15.22 6.45 -14.17
C ASN C 74 16.71 6.29 -13.99
N SER C 75 17.49 7.27 -14.45
CA SER C 75 18.95 7.28 -14.32
C SER C 75 19.31 7.49 -12.84
N LYS C 76 18.46 8.21 -12.11
CA LYS C 76 18.63 8.59 -10.71
C LYS C 76 17.88 7.71 -9.73
N ASN C 77 17.07 6.74 -10.22
CA ASN C 77 16.27 5.79 -9.41
C ASN C 77 15.36 6.55 -8.45
N THR C 78 14.77 7.65 -8.93
CA THR C 78 13.97 8.54 -8.08
C THR C 78 12.59 8.89 -8.66
N LEU C 79 11.58 8.96 -7.78
CA LEU C 79 10.24 9.35 -8.14
C LEU C 79 9.91 10.66 -7.42
N TYR C 80 9.23 11.56 -8.14
CA TYR C 80 8.84 12.87 -7.63
C TYR C 80 7.32 13.09 -7.64
N LEU C 81 6.84 13.83 -6.66
CA LEU C 81 5.48 14.33 -6.60
C LEU C 81 5.57 15.84 -6.39
N GLN C 82 5.38 16.64 -7.46
CA GLN C 82 5.35 18.10 -7.33
C GLN C 82 3.94 18.47 -6.92
N MET C 83 3.76 18.97 -5.72
CA MET C 83 2.42 19.31 -5.24
C MET C 83 2.26 20.83 -5.23
N ASN C 84 1.22 21.37 -5.91
CA ASN C 84 0.95 22.81 -5.95
C ASN C 84 -0.43 23.11 -5.35
N SER C 85 -0.66 24.38 -4.94
CA SER C 85 -1.87 24.87 -4.27
C SER C 85 -2.38 23.82 -3.29
N LEU C 86 -1.51 23.51 -2.33
CA LEU C 86 -1.78 22.56 -1.27
C LEU C 86 -2.89 23.05 -0.39
N ARG C 87 -3.75 22.13 0.06
CA ARG C 87 -4.91 22.45 0.88
C ARG C 87 -4.77 21.74 2.22
N ALA C 88 -5.50 22.22 3.23
CA ALA C 88 -5.51 21.63 4.55
C ALA C 88 -5.80 20.11 4.47
N GLU C 89 -6.84 19.69 3.71
CA GLU C 89 -7.17 18.26 3.55
C GLU C 89 -6.12 17.46 2.76
N ASP C 90 -5.01 18.08 2.36
CA ASP C 90 -3.92 17.34 1.75
C ASP C 90 -2.92 16.96 2.88
N THR C 91 -3.16 17.36 4.13
CA THR C 91 -2.34 16.94 5.30
C THR C 91 -2.44 15.41 5.44
N ALA C 92 -1.30 14.69 5.34
CA ALA C 92 -1.23 13.23 5.42
C ALA C 92 0.23 12.82 5.39
N VAL C 93 0.48 11.52 5.63
CA VAL C 93 1.79 10.88 5.41
C VAL C 93 1.65 10.38 3.97
N TYR C 94 2.65 10.63 3.15
CA TYR C 94 2.67 10.22 1.74
C TYR C 94 3.69 9.16 1.63
N TYR C 95 3.28 7.99 1.17
CA TYR C 95 4.16 6.87 0.94
C TYR C 95 4.29 6.71 -0.56
N CYS C 96 5.48 6.33 -1.03
CA CYS C 96 5.69 5.94 -2.42
C CYS C 96 5.65 4.41 -2.38
N ALA C 97 5.19 3.80 -3.46
CA ALA C 97 5.07 2.36 -3.50
C ALA C 97 5.20 1.84 -4.91
N ARG C 98 5.76 0.64 -5.06
CA ARG C 98 5.83 0.01 -6.37
C ARG C 98 4.43 -0.63 -6.56
N GLU C 99 3.79 -0.38 -7.69
CA GLU C 99 2.47 -0.98 -7.93
C GLU C 99 2.45 -1.99 -9.04
N LEU C 100 1.52 -2.90 -8.90
CA LEU C 100 1.19 -3.90 -9.87
C LEU C 100 -0.22 -3.57 -10.21
N SER C 101 -0.55 -3.46 -11.51
CA SER C 101 -1.92 -3.19 -11.90
C SER C 101 -2.30 -3.87 -13.21
N TYR C 102 -1.66 -4.99 -13.50
CA TYR C 102 -2.01 -5.70 -14.71
C TYR C 102 -3.34 -6.43 -14.49
N LEU C 103 -4.01 -6.79 -15.59
CA LEU C 103 -5.25 -7.57 -15.50
C LEU C 103 -4.87 -8.93 -14.89
N TYR C 104 -3.69 -9.47 -15.24
CA TYR C 104 -3.17 -10.72 -14.68
C TYR C 104 -2.87 -10.67 -13.14
N SER C 105 -2.49 -9.51 -12.60
CA SER C 105 -2.10 -9.40 -11.18
C SER C 105 -3.15 -8.89 -10.22
N GLY C 106 -4.05 -8.08 -10.72
CA GLY C 106 -4.89 -7.31 -9.84
C GLY C 106 -4.09 -6.06 -9.49
N TYR C 107 -4.69 -5.19 -8.70
CA TYR C 107 -4.11 -3.92 -8.33
C TYR C 107 -3.57 -3.95 -6.91
N TYR C 108 -2.25 -4.02 -6.76
CA TYR C 108 -1.68 -4.02 -5.43
C TYR C 108 -0.35 -3.30 -5.36
N PHE C 109 0.09 -3.03 -4.15
CA PHE C 109 1.34 -2.31 -3.89
C PHE C 109 2.26 -3.23 -3.09
N ASP C 110 3.27 -3.82 -3.75
CA ASP C 110 4.17 -4.78 -3.09
C ASP C 110 5.28 -4.12 -2.25
N TYR C 111 5.87 -3.02 -2.70
CA TYR C 111 6.90 -2.41 -1.86
C TYR C 111 6.57 -0.98 -1.50
N TRP C 112 6.68 -0.65 -0.22
CA TRP C 112 6.33 0.64 0.32
C TRP C 112 7.54 1.36 0.89
N GLY C 113 7.50 2.69 0.85
CA GLY C 113 8.48 3.55 1.48
C GLY C 113 8.06 3.75 2.92
N GLN C 114 8.82 4.54 3.71
CA GLN C 114 8.48 4.76 5.13
C GLN C 114 7.44 5.89 5.36
N GLY C 115 7.26 6.75 4.36
CA GLY C 115 6.37 7.90 4.42
C GLY C 115 7.03 9.18 4.92
N THR C 116 6.56 10.35 4.41
CA THR C 116 6.94 11.70 4.85
C THR C 116 5.66 12.42 5.20
N LEU C 117 5.60 13.01 6.39
CA LEU C 117 4.43 13.73 6.81
C LEU C 117 4.38 15.12 6.15
N VAL C 118 3.26 15.42 5.47
CA VAL C 118 3.01 16.70 4.83
C VAL C 118 1.95 17.40 5.67
N THR C 119 2.30 18.56 6.22
CA THR C 119 1.40 19.35 7.04
C THR C 119 1.05 20.67 6.32
N VAL C 120 -0.24 20.89 6.08
CA VAL C 120 -0.71 22.10 5.41
C VAL C 120 -1.50 22.87 6.43
N SER C 121 -0.84 23.86 7.03
CA SER C 121 -1.35 24.65 8.11
C SER C 121 -0.93 26.11 8.00
N SER C 122 -1.79 27.04 8.49
CA SER C 122 -1.46 28.46 8.48
C SER C 122 -0.56 28.81 9.67
N ALA C 123 -0.56 27.97 10.75
CA ALA C 123 0.31 28.13 11.92
C ALA C 123 1.76 27.94 11.53
N SER C 124 2.62 28.77 12.07
CA SER C 124 4.03 28.73 11.76
C SER C 124 4.72 27.69 12.63
N THR C 125 5.87 27.18 12.13
CA THR C 125 6.69 26.22 12.88
C THR C 125 7.06 26.81 14.24
N LYS C 126 7.05 25.96 15.26
CA LYS C 126 7.47 26.36 16.58
C LYS C 126 8.35 25.32 17.19
N GLY C 127 9.52 25.75 17.61
CA GLY C 127 10.50 24.92 18.27
C GLY C 127 10.12 24.74 19.71
N PRO C 128 10.41 23.58 20.31
CA PRO C 128 10.04 23.38 21.73
C PRO C 128 10.94 24.10 22.71
N SER C 129 10.41 24.35 23.89
CA SER C 129 11.16 24.83 25.04
C SER C 129 11.42 23.49 25.76
N VAL C 130 12.69 23.21 26.18
CA VAL C 130 13.06 21.98 26.85
C VAL C 130 13.37 22.31 28.30
N PHE C 131 12.61 21.69 29.21
CA PHE C 131 12.75 21.86 30.65
C PHE C 131 13.16 20.55 31.32
N PRO C 132 14.08 20.58 32.30
CA PRO C 132 14.41 19.32 33.00
C PRO C 132 13.32 18.99 34.02
N LEU C 133 13.09 17.70 34.24
CA LEU C 133 12.17 17.16 35.23
C LEU C 133 13.11 16.53 36.23
N ALA C 134 13.52 17.36 37.18
CA ALA C 134 14.49 17.06 38.21
C ALA C 134 14.05 15.92 39.09
N PRO C 135 14.96 14.99 39.39
CA PRO C 135 14.57 13.93 40.36
C PRO C 135 14.44 14.52 41.76
N SER C 136 13.51 13.99 42.57
CA SER C 136 13.39 14.38 43.99
C SER C 136 13.90 13.22 44.90
N SER C 137 14.04 13.48 46.23
CA SER C 137 14.54 12.51 47.23
C SER C 137 13.81 11.16 47.27
N GLY C 142 15.31 6.28 47.67
CA GLY C 142 14.59 5.04 47.92
C GLY C 142 14.88 3.96 46.89
N GLY C 143 16.15 3.85 46.51
CA GLY C 143 16.62 2.90 45.52
C GLY C 143 16.80 3.54 44.16
N THR C 144 15.66 3.84 43.50
CA THR C 144 15.71 4.43 42.17
C THR C 144 15.11 5.85 42.15
N ALA C 145 15.55 6.62 41.15
CA ALA C 145 15.17 8.03 40.92
C ALA C 145 14.55 8.16 39.53
N ALA C 146 13.42 8.84 39.44
CA ALA C 146 12.79 9.11 38.14
C ALA C 146 13.18 10.52 37.74
N LEU C 147 13.76 10.65 36.58
CA LEU C 147 14.15 11.93 36.05
C LEU C 147 13.78 12.04 34.57
N GLY C 148 13.67 13.25 34.06
CA GLY C 148 13.30 13.38 32.67
C GLY C 148 13.35 14.77 32.11
N CYS C 149 12.78 14.92 30.92
CA CYS C 149 12.75 16.19 30.20
CA CYS C 149 12.69 16.25 30.37
C CYS C 149 11.38 16.46 29.63
N LEU C 150 10.89 17.68 29.79
CA LEU C 150 9.61 18.17 29.26
C LEU C 150 9.93 18.98 28.02
N VAL C 151 9.42 18.50 26.91
CA VAL C 151 9.56 19.12 25.60
C VAL C 151 8.23 19.81 25.38
N LYS C 152 8.18 21.10 25.68
CA LYS C 152 6.97 21.88 25.66
C LYS C 152 6.76 22.75 24.45
N ASP C 153 5.48 22.80 24.02
CA ASP C 153 4.91 23.69 22.99
C ASP C 153 5.60 23.73 21.65
N TYR C 154 5.54 22.63 20.93
CA TYR C 154 6.16 22.60 19.59
C TYR C 154 5.15 22.31 18.49
N PHE C 155 5.52 22.58 17.22
CA PHE C 155 4.66 22.36 16.04
C PHE C 155 5.48 22.42 14.76
N PRO C 156 5.30 21.48 13.84
CA PRO C 156 4.49 20.26 13.96
C PRO C 156 5.28 19.11 14.60
N GLU C 157 4.71 17.91 14.59
CA GLU C 157 5.40 16.71 15.01
C GLU C 157 6.37 16.37 13.87
N PRO C 158 7.45 15.60 14.08
CA PRO C 158 7.87 14.93 15.32
C PRO C 158 9.03 15.65 16.01
N VAL C 159 9.28 15.23 17.24
CA VAL C 159 10.38 15.57 18.11
C VAL C 159 11.06 14.21 18.40
N THR C 160 12.37 14.20 18.54
CA THR C 160 13.14 12.99 18.89
C THR C 160 13.86 13.29 20.17
N VAL C 161 13.90 12.32 21.08
CA VAL C 161 14.60 12.43 22.35
C VAL C 161 15.50 11.20 22.48
N SER C 162 16.79 11.43 22.74
CA SER C 162 17.75 10.41 23.13
C SER C 162 18.41 10.92 24.44
N TRP C 163 18.99 10.02 25.24
CA TRP C 163 19.63 10.39 26.49
C TRP C 163 21.11 10.04 26.43
N ASN C 164 21.98 11.02 26.82
CA ASN C 164 23.45 10.88 26.84
C ASN C 164 24.00 10.41 25.52
N SER C 165 23.47 10.99 24.44
CA SER C 165 23.84 10.74 23.05
C SER C 165 23.68 9.27 22.65
N GLY C 166 22.71 8.59 23.22
CA GLY C 166 22.46 7.19 22.90
C GLY C 166 23.16 6.19 23.80
N ALA C 167 23.88 6.67 24.83
CA ALA C 167 24.56 5.77 25.78
C ALA C 167 23.57 5.24 26.83
N LEU C 168 22.43 5.95 27.02
CA LEU C 168 21.41 5.55 27.96
C LEU C 168 20.13 5.20 27.22
N THR C 169 19.82 3.89 27.11
CA THR C 169 18.62 3.42 26.39
C THR C 169 17.61 2.66 27.25
N SER C 170 18.08 1.73 28.08
CA SER C 170 17.19 0.90 28.91
C SER C 170 16.55 1.70 30.05
N GLY C 171 15.24 1.52 30.23
CA GLY C 171 14.47 2.26 31.23
C GLY C 171 14.09 3.67 30.79
N VAL C 172 14.22 3.95 29.48
CA VAL C 172 13.88 5.22 28.86
C VAL C 172 12.48 5.10 28.30
N HIS C 173 11.58 5.95 28.77
CA HIS C 173 10.22 5.95 28.30
C HIS C 173 9.87 7.33 27.76
N THR C 174 9.87 7.46 26.43
CA THR C 174 9.49 8.69 25.75
C THR C 174 8.00 8.54 25.46
N PHE C 175 7.20 9.40 26.10
CA PHE C 175 5.73 9.42 26.05
C PHE C 175 5.18 10.06 24.77
N PRO C 176 4.09 9.47 24.16
CA PRO C 176 3.46 10.14 22.99
C PRO C 176 2.98 11.53 23.43
N ALA C 177 3.09 12.50 22.52
CA ALA C 177 2.77 13.91 22.73
C ALA C 177 1.29 14.19 22.93
N VAL C 178 1.00 15.18 23.78
CA VAL C 178 -0.35 15.66 24.01
C VAL C 178 -0.52 16.81 23.00
N LEU C 179 -1.72 16.95 22.40
CA LEU C 179 -2.06 18.09 21.52
C LEU C 179 -2.84 19.06 22.39
N GLN C 180 -2.22 20.17 22.73
CA GLN C 180 -2.85 21.14 23.60
C GLN C 180 -3.87 21.99 22.87
N SER C 181 -4.76 22.65 23.63
CA SER C 181 -5.82 23.51 23.05
C SER C 181 -5.26 24.61 22.16
N SER C 182 -4.00 25.08 22.44
CA SER C 182 -3.24 26.08 21.67
C SER C 182 -2.83 25.60 20.26
N GLY C 183 -2.99 24.32 19.98
CA GLY C 183 -2.53 23.73 18.73
C GLY C 183 -1.06 23.34 18.75
N LEU C 184 -0.41 23.42 19.93
CA LEU C 184 1.00 23.03 20.09
C LEU C 184 1.13 21.71 20.86
N TYR C 185 2.04 20.86 20.42
CA TYR C 185 2.31 19.57 21.05
C TYR C 185 3.22 19.71 22.29
N SER C 186 3.16 18.74 23.19
CA SER C 186 4.06 18.68 24.34
C SER C 186 4.30 17.23 24.67
N LEU C 187 5.56 16.85 24.93
CA LEU C 187 5.83 15.48 25.32
C LEU C 187 6.82 15.37 26.45
N SER C 188 6.87 14.17 27.02
CA SER C 188 7.82 13.95 28.10
C SER C 188 8.60 12.70 27.85
N SER C 189 9.87 12.76 28.22
CA SER C 189 10.76 11.62 28.22
C SER C 189 11.27 11.40 29.66
N VAL C 190 11.14 10.17 30.15
CA VAL C 190 11.58 9.83 31.51
C VAL C 190 12.50 8.64 31.53
N VAL C 191 13.42 8.64 32.48
CA VAL C 191 14.37 7.56 32.71
C VAL C 191 14.50 7.31 34.22
N THR C 192 14.44 6.03 34.61
CA THR C 192 14.60 5.62 36.01
C THR C 192 16.00 5.11 36.12
N VAL C 193 16.78 5.79 36.95
CA VAL C 193 18.21 5.52 37.13
C VAL C 193 18.50 5.19 38.62
N PRO C 194 19.69 4.63 38.96
CA PRO C 194 19.99 4.40 40.38
C PRO C 194 20.20 5.75 41.08
N SER C 195 19.51 5.94 42.22
CA SER C 195 19.61 7.16 43.02
C SER C 195 21.06 7.51 43.35
N SER C 196 21.86 6.50 43.73
CA SER C 196 23.28 6.67 44.07
C SER C 196 24.08 7.33 42.95
N SER C 197 23.72 7.05 41.68
CA SER C 197 24.41 7.64 40.52
C SER C 197 24.06 9.14 40.30
N LEU C 198 23.07 9.68 41.03
CA LEU C 198 22.73 11.10 40.91
C LEU C 198 23.90 11.93 41.45
N GLY C 199 24.22 13.00 40.74
CA GLY C 199 25.33 13.89 41.11
C GLY C 199 26.64 13.42 40.52
N THR C 200 27.00 12.13 40.75
CA THR C 200 28.24 11.55 40.23
C THR C 200 28.13 11.31 38.72
N GLN C 201 27.01 10.75 38.24
CA GLN C 201 26.75 10.51 36.82
C GLN C 201 25.88 11.64 36.23
N THR C 202 26.23 12.11 35.02
CA THR C 202 25.51 13.19 34.33
C THR C 202 24.39 12.65 33.42
N TYR C 203 23.23 13.32 33.43
CA TYR C 203 22.07 12.98 32.61
C TYR C 203 21.66 14.14 31.71
N ILE C 204 21.75 13.94 30.40
CA ILE C 204 21.46 14.94 29.37
C ILE C 204 20.47 14.39 28.37
N CYS C 205 19.36 15.12 28.17
CA CYS C 205 18.42 14.68 27.14
C CYS C 205 18.66 15.50 25.90
N ASN C 206 18.83 14.82 24.77
CA ASN C 206 19.10 15.45 23.49
C ASN C 206 17.82 15.47 22.69
N VAL C 207 17.29 16.67 22.51
CA VAL C 207 16.04 16.90 21.84
C VAL C 207 16.28 17.55 20.52
N ASN C 208 15.66 17.01 19.49
CA ASN C 208 15.75 17.58 18.17
C ASN C 208 14.34 17.73 17.61
N HIS C 209 14.11 18.85 16.93
CA HIS C 209 12.88 19.18 16.25
C HIS C 209 13.31 19.70 14.90
N LYS C 210 13.35 18.77 13.92
CA LYS C 210 13.76 19.05 12.54
C LYS C 210 12.94 20.19 11.89
N PRO C 211 11.58 20.29 12.02
CA PRO C 211 10.85 21.41 11.37
C PRO C 211 11.37 22.81 11.69
N SER C 212 11.76 23.06 12.94
CA SER C 212 12.24 24.39 13.35
C SER C 212 13.75 24.47 13.43
N ASN C 213 14.43 23.35 13.16
CA ASN C 213 15.88 23.14 13.29
C ASN C 213 16.39 23.39 14.76
N THR C 214 15.59 22.98 15.74
CA THR C 214 15.91 23.09 17.17
C THR C 214 16.78 21.90 17.60
N LYS C 215 17.78 22.18 18.41
CA LYS C 215 18.68 21.19 18.96
C LYS C 215 19.12 21.66 20.34
N VAL C 216 18.65 20.94 21.35
CA VAL C 216 18.94 21.22 22.74
C VAL C 216 19.55 19.95 23.37
N ASP C 217 20.56 20.13 24.23
CA ASP C 217 21.17 19.06 25.03
C ASP C 217 21.05 19.61 26.45
N LYS C 218 19.96 19.26 27.13
CA LYS C 218 19.62 19.74 28.46
C LYS C 218 20.10 18.82 29.55
N ARG C 219 20.96 19.37 30.41
CA ARG C 219 21.45 18.63 31.55
C ARG C 219 20.37 18.65 32.63
N VAL C 220 20.08 17.47 33.20
CA VAL C 220 19.06 17.33 34.22
C VAL C 220 19.73 17.04 35.57
N GLU C 221 19.78 18.05 36.42
CA GLU C 221 20.43 17.99 37.73
C GLU C 221 19.39 17.84 38.86
N PRO C 222 19.73 17.21 40.00
CA PRO C 222 18.73 17.10 41.09
C PRO C 222 18.59 18.39 41.87
N LYS C 223 17.56 18.44 42.74
CA LYS C 223 17.26 19.57 43.62
C LYS C 223 17.87 19.27 44.98
#